data_7DRN
#
_entry.id   7DRN
#
_cell.length_a   92.294
_cell.length_b   92.647
_cell.length_c   99.571
_cell.angle_alpha   90.000
_cell.angle_beta   100.900
_cell.angle_gamma   90.000
#
_symmetry.space_group_name_H-M   'P 1 21 1'
#
loop_
_entity.id
_entity.type
_entity.pdbx_description
1 polymer 'ATP-grasp domain-containing protein'
2 polymer 'PsnA214-38, Precursor peptide'
3 non-polymer 'PHOSPHOAMINOPHOSPHONIC ACID-ADENYLATE ESTER'
#
loop_
_entity_poly.entity_id
_entity_poly.type
_entity_poly.pdbx_seq_one_letter_code
_entity_poly.pdbx_strand_id
1 'polypeptide(L)'
;MGSSHHHHHHSSGLVPRGSHMTNLDTSIVVVGSPDDLHVQSVTEGLRARGHEPYVFDTQRFPEEMTVSLGEQGASIFVDG
QQIARPAAVYLRSLYQSPGAYGVDADKAMQDNWRRTLLAFRERSTLMSAVLLRWEEAGTAVYNSPRASANITKPFQLALL
RDAGLPVPRSLWTNDPEAVRRFHAEVGDCIYKPVAGGARTRKLEAKDLEADRIERLSAAPVCFQELLTGDDVRVYVIDDQ
VICALRIVTDEIDFRQAEERIEAIEISDEVKDQCVRAAKLVGLRYTGMDIKAGADGNYRVLELNASAMFRGFEGRANVDI
CGPLCDALIAQTKR
;
A,B,C,D
2 'polypeptide(L)' LFIEDLGKVTGGKGGPYTTLAIGEE E,F
#
# COMPACT_ATOMS: atom_id res chain seq x y z
N ASN A 23 2.41 55.70 8.16
CA ASN A 23 1.99 56.71 7.21
C ASN A 23 1.40 56.12 5.93
N LEU A 24 1.19 54.82 5.90
CA LEU A 24 0.62 54.16 4.73
C LEU A 24 -0.22 53.08 5.32
N ASP A 25 -1.37 52.82 4.73
CA ASP A 25 -2.26 51.84 5.33
C ASP A 25 -1.86 50.51 4.82
N THR A 26 -0.87 49.92 5.46
CA THR A 26 -0.48 48.56 5.10
C THR A 26 -1.37 47.59 5.86
N SER A 27 -2.68 47.81 5.87
CA SER A 27 -3.58 46.86 6.50
C SER A 27 -3.83 45.72 5.53
N ILE A 28 -3.86 46.02 4.23
CA ILE A 28 -4.01 45.01 3.19
C ILE A 28 -2.85 45.18 2.22
N VAL A 29 -2.18 44.07 1.90
CA VAL A 29 -1.01 44.08 1.05
C VAL A 29 -1.25 43.12 -0.12
N VAL A 30 -1.04 43.63 -1.33
CA VAL A 30 -1.11 42.83 -2.54
C VAL A 30 0.32 42.57 -3.01
N VAL A 31 0.73 41.31 -3.00
CA VAL A 31 2.07 40.95 -3.42
C VAL A 31 2.04 40.62 -4.91
N GLY A 32 2.75 41.41 -5.70
CA GLY A 32 2.78 41.19 -7.13
C GLY A 32 3.17 42.47 -7.84
N SER A 33 3.51 42.33 -9.10
CA SER A 33 3.82 43.50 -9.92
C SER A 33 2.54 44.29 -10.21
N PRO A 34 2.58 45.62 -10.09
CA PRO A 34 1.39 46.43 -10.42
C PRO A 34 0.96 46.36 -11.89
N ASP A 35 1.71 45.67 -12.76
CA ASP A 35 1.32 45.40 -14.14
C ASP A 35 0.50 44.12 -14.29
N ASP A 36 0.27 43.40 -13.19
CA ASP A 36 -0.47 42.13 -13.25
C ASP A 36 -1.96 42.42 -13.24
N LEU A 37 -2.63 42.06 -14.34
CA LEU A 37 -4.05 42.36 -14.50
C LEU A 37 -4.86 41.98 -13.26
N HIS A 38 -4.45 40.94 -12.55
CA HIS A 38 -5.17 40.57 -11.34
C HIS A 38 -4.75 41.40 -10.15
N VAL A 39 -3.47 41.80 -10.09
CA VAL A 39 -3.08 42.81 -9.11
C VAL A 39 -3.87 44.08 -9.32
N GLN A 40 -3.99 44.53 -10.58
CA GLN A 40 -4.82 45.69 -10.89
C GLN A 40 -6.27 45.48 -10.46
N SER A 41 -6.84 44.33 -10.83
CA SER A 41 -8.24 44.07 -10.52
C SER A 41 -8.49 44.11 -9.02
N VAL A 42 -7.56 43.55 -8.24
CA VAL A 42 -7.76 43.49 -6.79
C VAL A 42 -7.55 44.87 -6.16
N THR A 43 -6.55 45.62 -6.61
CA THR A 43 -6.37 46.96 -6.04
C THR A 43 -7.59 47.81 -6.35
N GLU A 44 -8.13 47.76 -7.56
CA GLU A 44 -9.33 48.52 -7.90
C GLU A 44 -10.51 48.12 -7.06
N GLY A 45 -10.78 46.82 -6.99
CA GLY A 45 -11.81 46.36 -6.06
C GLY A 45 -11.63 46.97 -4.67
N LEU A 46 -10.41 46.92 -4.13
CA LEU A 46 -10.17 47.41 -2.78
C LEU A 46 -10.36 48.91 -2.68
N ARG A 47 -10.05 49.65 -3.72
CA ARG A 47 -10.31 51.05 -3.61
C ARG A 47 -11.82 51.27 -3.54
N ALA A 48 -12.59 50.64 -4.43
CA ALA A 48 -14.04 50.84 -4.37
C ALA A 48 -14.63 50.56 -2.98
N ARG A 49 -13.99 49.69 -2.19
CA ARG A 49 -14.43 49.44 -0.83
C ARG A 49 -13.87 50.41 0.19
N GLY A 50 -13.01 51.33 -0.22
CA GLY A 50 -12.49 52.33 0.69
C GLY A 50 -11.12 52.04 1.27
N HIS A 51 -10.45 50.99 0.81
CA HIS A 51 -9.13 50.64 1.32
C HIS A 51 -8.07 50.81 0.25
N GLU A 52 -6.92 51.33 0.67
CA GLU A 52 -5.78 51.60 -0.20
C GLU A 52 -4.74 50.52 0.02
N PRO A 53 -4.61 49.52 -0.84
CA PRO A 53 -3.67 48.44 -0.56
C PRO A 53 -2.24 48.89 -0.78
N TYR A 54 -1.32 48.26 -0.04
CA TYR A 54 0.10 48.42 -0.30
C TYR A 54 0.52 47.36 -1.29
N VAL A 55 1.12 47.78 -2.40
CA VAL A 55 1.54 46.87 -3.46
C VAL A 55 3.01 46.54 -3.26
N PHE A 56 3.29 45.27 -2.99
CA PHE A 56 4.64 44.80 -2.67
C PHE A 56 5.18 44.12 -3.93
N ASP A 57 5.94 44.88 -4.73
CA ASP A 57 6.51 44.35 -5.97
C ASP A 57 7.92 43.87 -5.69
N THR A 58 8.08 42.57 -5.46
CA THR A 58 9.39 42.02 -5.18
C THR A 58 10.33 42.13 -6.37
N GLN A 59 9.80 42.22 -7.58
CA GLN A 59 10.64 42.25 -8.77
C GLN A 59 11.59 43.44 -8.79
N ARG A 60 11.33 44.43 -7.95
CA ARG A 60 12.24 45.57 -7.88
C ARG A 60 13.14 45.51 -6.70
N PHE A 61 13.28 44.34 -6.07
CA PHE A 61 14.04 44.28 -4.84
C PHE A 61 15.45 44.86 -4.80
N PRO A 62 16.43 44.31 -5.54
CA PRO A 62 17.75 44.88 -5.29
C PRO A 62 17.88 46.30 -5.72
N GLU A 63 17.42 46.64 -6.91
CA GLU A 63 17.62 47.97 -7.45
C GLU A 63 16.73 49.11 -7.00
N GLU A 64 15.44 48.87 -6.84
CA GLU A 64 14.55 49.97 -6.53
C GLU A 64 13.69 49.78 -5.29
N MET A 65 14.14 48.98 -4.35
CA MET A 65 13.42 48.79 -3.10
C MET A 65 14.40 48.55 -1.97
N THR A 66 13.96 48.89 -0.76
CA THR A 66 14.76 48.73 0.45
C THR A 66 14.05 47.78 1.39
N VAL A 67 14.73 46.70 1.78
CA VAL A 67 14.22 45.75 2.74
C VAL A 67 15.24 45.57 3.85
N SER A 68 14.78 45.63 5.10
CA SER A 68 15.63 45.44 6.27
C SER A 68 14.88 44.58 7.27
N LEU A 69 15.47 43.46 7.67
CA LEU A 69 14.88 42.56 8.65
C LEU A 69 15.74 42.53 9.90
N GLY A 70 15.12 42.77 11.05
CA GLY A 70 15.78 42.56 12.33
C GLY A 70 15.63 41.12 12.80
N GLU A 71 16.35 40.80 13.87
CA GLU A 71 16.26 39.45 14.42
C GLU A 71 14.89 39.15 15.02
N GLN A 72 14.06 40.17 15.22
CA GLN A 72 12.70 40.00 15.72
C GLN A 72 11.70 39.95 14.57
N GLY A 73 10.75 39.04 14.68
CA GLY A 73 9.77 38.87 13.63
C GLY A 73 9.02 40.14 13.27
N ALA A 74 8.91 41.08 14.22
CA ALA A 74 8.21 42.32 13.97
C ALA A 74 9.09 43.38 13.31
N SER A 75 10.40 43.15 13.25
CA SER A 75 11.35 44.15 12.75
C SER A 75 11.51 43.96 11.23
N ILE A 76 10.58 44.56 10.49
CA ILE A 76 10.52 44.47 9.04
C ILE A 76 10.32 45.87 8.48
N PHE A 77 11.23 46.30 7.61
CA PHE A 77 11.21 47.68 7.08
C PHE A 77 11.34 47.65 5.57
N VAL A 78 10.27 48.01 4.87
CA VAL A 78 10.23 48.09 3.41
C VAL A 78 10.26 49.56 3.02
N ASP A 79 11.25 49.92 2.21
CA ASP A 79 11.43 51.31 1.77
C ASP A 79 11.34 52.27 2.95
N GLY A 80 11.93 51.87 4.07
CA GLY A 80 12.03 52.71 5.24
C GLY A 80 10.91 52.53 6.24
N GLN A 81 9.73 52.12 5.78
CA GLN A 81 8.58 51.99 6.68
C GLN A 81 8.48 50.60 7.28
N GLN A 82 8.04 50.57 8.54
CA GLN A 82 7.88 49.31 9.25
C GLN A 82 6.55 48.65 8.90
N ILE A 83 6.62 47.36 8.56
CA ILE A 83 5.43 46.57 8.27
C ILE A 83 5.52 45.27 9.06
N ALA A 84 5.10 45.30 10.32
CA ALA A 84 5.23 44.13 11.18
C ALA A 84 4.15 43.09 10.89
N ARG A 85 2.91 43.53 10.66
CA ARG A 85 1.81 42.57 10.54
C ARG A 85 0.63 43.16 9.76
N PRO A 86 0.60 43.02 8.44
CA PRO A 86 -0.63 43.32 7.71
C PRO A 86 -1.76 42.42 8.19
N ALA A 87 -2.99 42.93 8.07
CA ALA A 87 -4.14 42.12 8.43
C ALA A 87 -4.34 40.98 7.44
N ALA A 88 -4.21 41.27 6.15
CA ALA A 88 -4.38 40.27 5.11
C ALA A 88 -3.42 40.55 3.97
N VAL A 89 -3.02 39.48 3.29
CA VAL A 89 -2.18 39.57 2.10
C VAL A 89 -2.83 38.80 0.97
N TYR A 90 -2.89 39.42 -0.21
CA TYR A 90 -3.27 38.75 -1.44
C TYR A 90 -1.99 38.45 -2.19
N LEU A 91 -1.63 37.16 -2.30
CA LEU A 91 -0.33 36.75 -2.83
C LEU A 91 -0.51 36.34 -4.29
N ARG A 92 -0.36 37.31 -5.19
CA ARG A 92 -0.41 37.00 -6.61
C ARG A 92 0.81 36.20 -7.03
N SER A 93 2.01 36.73 -6.76
CA SER A 93 3.23 36.04 -7.15
C SER A 93 4.41 36.68 -6.44
N LEU A 94 5.37 35.86 -6.01
CA LEU A 94 6.64 36.36 -5.48
C LEU A 94 7.73 36.39 -6.55
N TYR A 95 7.50 35.77 -7.70
CA TYR A 95 8.44 35.79 -8.82
C TYR A 95 9.79 35.21 -8.39
N GLN A 96 9.74 33.97 -7.93
CA GLN A 96 10.89 33.34 -7.32
C GLN A 96 11.89 32.83 -8.36
N SER A 97 11.40 32.29 -9.47
CA SER A 97 12.33 31.80 -10.48
C SER A 97 12.25 32.64 -11.75
N PRO A 98 13.36 32.68 -12.54
CA PRO A 98 13.19 33.52 -13.71
C PRO A 98 12.27 32.97 -14.72
N GLY A 99 11.60 31.88 -14.40
CA GLY A 99 10.77 31.25 -15.39
C GLY A 99 9.31 31.42 -15.10
N ALA A 100 8.97 32.37 -14.25
CA ALA A 100 7.60 32.53 -13.87
C ALA A 100 6.77 33.31 -14.83
N TYR A 101 5.56 33.66 -14.41
CA TYR A 101 4.66 34.34 -15.30
C TYR A 101 5.10 35.73 -15.57
N GLY A 102 5.22 36.54 -14.54
CA GLY A 102 5.53 37.94 -14.78
C GLY A 102 6.96 38.34 -14.90
N VAL A 103 7.87 37.38 -15.04
CA VAL A 103 9.26 37.75 -15.07
C VAL A 103 9.97 37.76 -16.40
N ASP A 104 10.20 38.94 -16.96
CA ASP A 104 11.00 39.04 -18.19
C ASP A 104 12.47 39.00 -17.79
N ALA A 105 13.03 37.78 -17.74
CA ALA A 105 14.43 37.58 -17.37
C ALA A 105 15.23 36.96 -18.50
N ASP A 106 14.76 37.06 -19.74
CA ASP A 106 15.41 36.39 -20.88
C ASP A 106 16.83 36.89 -21.14
N LYS A 107 17.03 38.20 -21.28
CA LYS A 107 18.37 38.69 -21.57
C LYS A 107 19.35 38.31 -20.46
N ALA A 108 18.93 38.46 -19.21
CA ALA A 108 19.82 38.16 -18.09
C ALA A 108 20.18 36.69 -18.05
N MET A 109 19.22 35.82 -18.40
CA MET A 109 19.48 34.38 -18.38
C MET A 109 20.35 33.96 -19.56
N GLN A 110 20.17 34.59 -20.72
CA GLN A 110 21.04 34.34 -21.85
C GLN A 110 22.46 34.82 -21.58
N ASP A 111 22.61 35.87 -20.79
CA ASP A 111 23.93 36.37 -20.50
C ASP A 111 24.68 35.44 -19.59
N ASN A 112 24.26 35.35 -18.33
CA ASN A 112 24.94 34.51 -17.33
C ASN A 112 23.84 33.88 -16.47
N TRP A 113 23.44 32.66 -16.85
CA TRP A 113 22.29 32.04 -16.20
C TRP A 113 22.58 31.62 -14.77
N ARG A 114 23.83 31.30 -14.45
CA ARG A 114 24.16 30.90 -13.09
C ARG A 114 23.98 32.06 -12.12
N ARG A 115 24.47 33.24 -12.43
CA ARG A 115 24.33 34.31 -11.47
C ARG A 115 22.93 34.83 -11.45
N THR A 116 22.19 34.64 -12.55
CA THR A 116 20.79 35.04 -12.54
C THR A 116 19.94 34.12 -11.65
N LEU A 117 20.15 32.81 -11.76
CA LEU A 117 19.52 31.91 -10.80
C LEU A 117 19.93 32.25 -9.37
N LEU A 118 21.20 32.60 -9.18
CA LEU A 118 21.65 32.99 -7.84
C LEU A 118 20.90 34.21 -7.35
N ALA A 119 20.76 35.22 -8.21
CA ALA A 119 20.04 36.44 -7.82
C ALA A 119 18.60 36.14 -7.46
N PHE A 120 17.93 35.30 -8.25
CA PHE A 120 16.53 34.99 -7.96
C PHE A 120 16.40 34.21 -6.65
N ARG A 121 17.34 33.35 -6.34
CA ARG A 121 17.29 32.62 -5.08
C ARG A 121 17.54 33.56 -3.92
N GLU A 122 18.49 34.47 -4.10
CA GLU A 122 18.78 35.47 -3.06
C GLU A 122 17.54 36.30 -2.76
N ARG A 123 16.87 36.79 -3.80
CA ARG A 123 15.66 37.58 -3.57
C ARG A 123 14.59 36.74 -2.89
N SER A 124 14.43 35.48 -3.33
CA SER A 124 13.33 34.64 -2.85
C SER A 124 13.47 34.34 -1.38
N THR A 125 14.68 34.04 -0.91
CA THR A 125 14.81 33.73 0.51
C THR A 125 14.34 34.91 1.36
N LEU A 126 14.67 36.14 0.95
CA LEU A 126 14.27 37.32 1.71
C LEU A 126 12.78 37.59 1.63
N MET A 127 12.19 37.50 0.44
CA MET A 127 10.79 37.80 0.37
C MET A 127 9.99 36.72 1.07
N SER A 128 10.40 35.46 0.93
CA SER A 128 9.73 34.38 1.65
C SER A 128 9.86 34.58 3.15
N ALA A 129 11.00 35.10 3.60
CA ALA A 129 11.13 35.44 5.01
C ALA A 129 10.09 36.47 5.42
N VAL A 130 9.94 37.52 4.61
CA VAL A 130 8.93 38.53 4.92
C VAL A 130 7.56 37.88 5.05
N LEU A 131 7.17 37.09 4.05
CA LEU A 131 5.84 36.50 4.03
C LEU A 131 5.63 35.56 5.20
N LEU A 132 6.66 34.77 5.53
CA LEU A 132 6.53 33.82 6.61
C LEU A 132 6.47 34.51 7.97
N ARG A 133 7.26 35.58 8.14
CA ARG A 133 7.14 36.40 9.33
C ARG A 133 5.72 36.93 9.48
N TRP A 134 5.17 37.48 8.39
CA TRP A 134 3.80 37.98 8.44
C TRP A 134 2.82 36.91 8.89
N GLU A 135 2.86 35.75 8.24
CA GLU A 135 1.96 34.67 8.62
C GLU A 135 2.17 34.26 10.08
N GLU A 136 3.42 34.28 10.54
CA GLU A 136 3.70 33.93 11.93
C GLU A 136 3.10 34.95 12.88
N ALA A 137 3.06 36.21 12.47
CA ALA A 137 2.47 37.27 13.27
C ALA A 137 0.95 37.21 13.29
N GLY A 138 0.34 36.40 12.43
CA GLY A 138 -1.09 36.28 12.35
C GLY A 138 -1.70 36.82 11.08
N THR A 139 -0.90 37.34 10.16
CA THR A 139 -1.44 37.84 8.90
C THR A 139 -2.20 36.72 8.19
N ALA A 140 -3.39 37.06 7.69
CA ALA A 140 -4.17 36.11 6.88
C ALA A 140 -3.65 36.16 5.46
N VAL A 141 -2.75 35.23 5.12
CA VAL A 141 -2.14 35.21 3.80
C VAL A 141 -3.07 34.40 2.89
N TYR A 142 -3.65 35.06 1.89
CA TYR A 142 -4.56 34.36 0.99
C TYR A 142 -3.68 33.59 0.04
N ASN A 143 -3.50 32.30 0.39
CA ASN A 143 -2.58 31.37 -0.23
C ASN A 143 -1.15 31.61 0.25
N SER A 144 -0.84 31.06 1.43
CA SER A 144 0.49 31.16 2.00
C SER A 144 1.46 30.28 1.22
N PRO A 145 2.72 30.71 1.09
CA PRO A 145 3.68 29.91 0.33
C PRO A 145 3.93 28.52 0.90
N ARG A 146 3.70 28.31 2.20
CA ARG A 146 3.92 26.98 2.77
C ARG A 146 3.14 25.91 2.03
N ALA A 147 1.93 26.24 1.58
CA ALA A 147 1.07 25.30 0.86
C ALA A 147 1.79 24.68 -0.33
N SER A 148 2.89 25.32 -0.79
CA SER A 148 3.66 24.75 -1.88
C SER A 148 3.91 23.25 -1.67
N ALA A 149 4.26 22.86 -0.44
CA ALA A 149 4.51 21.44 -0.18
C ALA A 149 3.32 20.60 -0.59
N ASN A 150 2.13 20.98 -0.12
CA ASN A 150 0.92 20.23 -0.45
C ASN A 150 0.51 20.38 -1.90
N ILE A 151 1.04 21.36 -2.62
CA ILE A 151 0.58 21.61 -3.99
C ILE A 151 1.30 20.75 -5.00
N THR A 152 2.43 20.14 -4.64
CA THR A 152 3.10 19.24 -5.58
C THR A 152 2.07 18.28 -6.07
N LYS A 153 1.82 18.25 -7.37
CA LYS A 153 0.72 17.45 -7.90
C LYS A 153 0.69 15.97 -7.52
N PRO A 154 1.76 15.22 -7.80
CA PRO A 154 1.72 13.79 -7.47
C PRO A 154 1.45 13.52 -6.00
N PHE A 155 1.62 14.51 -5.12
CA PHE A 155 1.22 14.37 -3.72
C PHE A 155 -0.17 14.94 -3.47
N GLN A 156 -0.53 16.03 -4.14
CA GLN A 156 -1.84 16.63 -3.93
C GLN A 156 -2.94 15.65 -4.30
N LEU A 157 -2.83 15.04 -5.48
CA LEU A 157 -3.90 14.15 -5.92
C LEU A 157 -4.06 12.95 -4.98
N ALA A 158 -2.96 12.48 -4.40
CA ALA A 158 -3.06 11.36 -3.47
C ALA A 158 -3.62 11.79 -2.11
N LEU A 159 -3.23 12.97 -1.64
CA LEU A 159 -3.83 13.50 -0.41
C LEU A 159 -5.35 13.59 -0.55
N LEU A 160 -5.81 14.15 -1.66
CA LEU A 160 -7.25 14.21 -1.92
C LEU A 160 -7.85 12.81 -2.00
N ARG A 161 -7.26 11.94 -2.83
CA ARG A 161 -7.84 10.61 -3.03
C ARG A 161 -7.97 9.86 -1.72
N ASP A 162 -6.88 9.76 -0.96
CA ASP A 162 -6.95 9.09 0.33
C ASP A 162 -7.82 9.84 1.33
N ALA A 163 -8.18 11.10 1.08
CA ALA A 163 -9.16 11.77 1.92
C ALA A 163 -10.60 11.65 1.42
N GLY A 164 -10.88 10.79 0.44
CA GLY A 164 -12.26 10.59 -0.02
C GLY A 164 -12.69 11.40 -1.23
N LEU A 165 -11.78 12.13 -1.86
CA LEU A 165 -12.29 12.80 -3.05
C LEU A 165 -11.88 12.05 -4.30
N PRO A 166 -12.77 11.97 -5.29
CA PRO A 166 -12.44 11.23 -6.51
C PRO A 166 -11.49 12.03 -7.39
N VAL A 167 -10.49 11.35 -7.93
CA VAL A 167 -9.53 11.94 -8.85
C VAL A 167 -9.39 10.98 -10.03
N PRO A 168 -8.75 11.39 -11.13
CA PRO A 168 -8.57 10.48 -12.25
C PRO A 168 -7.62 9.35 -11.91
N ARG A 169 -7.86 8.20 -12.52
CA ARG A 169 -6.86 7.15 -12.48
C ARG A 169 -5.58 7.67 -13.13
N SER A 170 -4.49 7.70 -12.34
CA SER A 170 -3.30 8.44 -12.72
C SER A 170 -2.07 7.54 -12.71
N LEU A 171 -1.02 8.02 -13.36
CA LEU A 171 0.28 7.37 -13.35
C LEU A 171 1.32 8.43 -13.70
N TRP A 172 2.09 8.88 -12.71
CA TRP A 172 3.24 9.75 -12.96
C TRP A 172 4.46 8.84 -13.08
N THR A 173 5.13 8.86 -14.22
CA THR A 173 6.19 7.87 -14.40
C THR A 173 7.17 8.27 -15.48
N ASN A 174 8.27 7.51 -15.53
CA ASN A 174 9.27 7.57 -16.59
C ASN A 174 9.54 6.19 -17.19
N ASP A 175 8.66 5.22 -16.93
CA ASP A 175 8.86 3.83 -17.34
C ASP A 175 7.84 3.45 -18.40
N PRO A 176 8.25 3.27 -19.65
CA PRO A 176 7.26 2.97 -20.71
C PRO A 176 6.40 1.75 -20.43
N GLU A 177 6.95 0.73 -19.78
CA GLU A 177 6.15 -0.46 -19.51
C GLU A 177 4.99 -0.13 -18.57
N ALA A 178 5.24 0.70 -17.56
CA ALA A 178 4.18 1.13 -16.67
C ALA A 178 3.09 1.85 -17.45
N VAL A 179 3.50 2.67 -18.43
CA VAL A 179 2.53 3.39 -19.26
C VAL A 179 1.70 2.40 -20.07
N ARG A 180 2.36 1.39 -20.67
CA ARG A 180 1.63 0.43 -21.48
C ARG A 180 0.63 -0.35 -20.64
N ARG A 181 1.02 -0.75 -19.43
CA ARG A 181 0.10 -1.52 -18.60
C ARG A 181 -1.02 -0.65 -18.05
N PHE A 182 -0.71 0.60 -17.71
CA PHE A 182 -1.76 1.53 -17.30
C PHE A 182 -2.75 1.78 -18.43
N HIS A 183 -2.24 1.98 -19.64
CA HIS A 183 -3.11 2.13 -20.81
C HIS A 183 -4.01 0.92 -20.97
N ALA A 184 -3.42 -0.28 -20.90
CA ALA A 184 -4.22 -1.50 -21.03
C ALA A 184 -5.20 -1.66 -19.88
N GLU A 185 -5.06 -0.90 -18.82
CA GLU A 185 -5.96 -1.08 -17.71
C GLU A 185 -7.06 -0.09 -17.80
N VAL A 186 -6.77 1.06 -18.38
CA VAL A 186 -7.71 2.17 -18.34
C VAL A 186 -8.42 2.37 -19.67
N GLY A 187 -7.66 2.41 -20.77
CA GLY A 187 -8.23 2.70 -22.07
C GLY A 187 -7.73 4.03 -22.61
N ASP A 188 -8.64 4.86 -23.11
CA ASP A 188 -8.25 6.17 -23.58
C ASP A 188 -7.55 6.94 -22.46
N CYS A 189 -6.40 7.52 -22.77
CA CYS A 189 -5.58 8.22 -21.80
C CYS A 189 -5.13 9.56 -22.37
N ILE A 190 -4.82 10.48 -21.46
CA ILE A 190 -4.17 11.75 -21.78
C ILE A 190 -2.84 11.79 -21.05
N TYR A 191 -1.94 12.64 -21.54
CA TYR A 191 -0.69 12.91 -20.86
C TYR A 191 -0.51 14.41 -20.71
N LYS A 192 0.09 14.78 -19.59
CA LYS A 192 0.29 16.18 -19.29
C LYS A 192 1.54 16.29 -18.40
N PRO A 193 2.01 17.51 -18.13
CA PRO A 193 3.21 17.67 -17.30
C PRO A 193 2.98 17.19 -15.88
N VAL A 194 4.07 16.81 -15.21
CA VAL A 194 3.99 16.44 -13.81
C VAL A 194 3.65 17.67 -12.97
N ALA A 195 4.44 18.75 -13.10
CA ALA A 195 4.25 19.99 -12.36
C ALA A 195 3.46 21.04 -13.12
N GLY A 196 3.52 21.02 -14.45
CA GLY A 196 2.81 21.97 -15.28
C GLY A 196 3.72 22.60 -16.33
N GLY A 197 3.08 23.30 -17.25
CA GLY A 197 3.82 24.04 -18.27
C GLY A 197 3.51 23.70 -19.71
N ALA A 198 2.46 22.91 -19.95
CA ALA A 198 2.08 22.57 -21.31
C ALA A 198 0.68 21.96 -21.28
N ARG A 199 0.06 21.92 -22.45
CA ARG A 199 -1.30 21.45 -22.54
C ARG A 199 -1.40 19.98 -22.51
N THR A 200 -2.46 19.48 -21.89
CA THR A 200 -2.66 18.03 -21.89
C THR A 200 -3.16 17.57 -23.24
N ARG A 201 -2.64 16.44 -23.69
CA ARG A 201 -3.01 15.92 -24.98
C ARG A 201 -3.49 14.49 -24.87
N LYS A 202 -4.24 14.05 -25.88
CA LYS A 202 -4.68 12.66 -25.92
C LYS A 202 -3.50 11.76 -26.22
N LEU A 203 -3.37 10.67 -25.47
CA LEU A 203 -2.31 9.69 -25.70
C LEU A 203 -2.64 8.91 -26.96
N GLU A 204 -1.97 9.24 -28.05
CA GLU A 204 -2.23 8.60 -29.33
C GLU A 204 -1.29 7.41 -29.52
N ALA A 205 -1.64 6.57 -30.49
CA ALA A 205 -0.84 5.38 -30.76
C ALA A 205 0.59 5.74 -31.11
N LYS A 206 0.77 6.83 -31.87
CA LYS A 206 2.12 7.28 -32.20
C LYS A 206 2.97 7.43 -30.96
N ASP A 207 2.35 7.81 -29.84
CA ASP A 207 3.09 8.10 -28.61
C ASP A 207 3.54 6.84 -27.89
N LEU A 208 2.92 5.69 -28.18
CA LEU A 208 3.32 4.45 -27.54
C LEU A 208 4.34 3.66 -28.35
N GLU A 209 4.71 4.15 -29.52
CA GLU A 209 5.76 3.49 -30.29
C GLU A 209 7.05 3.70 -29.51
N ALA A 210 7.93 2.71 -29.57
CA ALA A 210 9.16 2.79 -28.78
C ALA A 210 9.90 4.09 -29.01
N ASP A 211 10.06 4.48 -30.27
CA ASP A 211 10.84 5.67 -30.62
C ASP A 211 10.64 6.85 -29.72
N ARG A 212 9.40 7.17 -29.44
CA ARG A 212 9.10 8.36 -28.66
C ARG A 212 8.63 8.08 -27.24
N ILE A 213 8.14 6.87 -26.96
CA ILE A 213 7.82 6.55 -25.56
C ILE A 213 9.08 6.29 -24.74
N GLU A 214 10.22 6.11 -25.40
CA GLU A 214 11.46 5.93 -24.67
C GLU A 214 12.03 7.26 -24.24
N ARG A 215 11.42 8.35 -24.68
CA ARG A 215 11.83 9.67 -24.24
C ARG A 215 11.43 9.96 -22.80
N LEU A 216 10.80 9.02 -22.11
CA LEU A 216 10.51 9.20 -20.69
C LEU A 216 11.76 9.17 -19.83
N SER A 217 12.89 8.70 -20.37
CA SER A 217 14.15 8.75 -19.65
C SER A 217 14.67 10.18 -19.49
N ALA A 218 14.13 11.14 -20.23
CA ALA A 218 14.55 12.52 -20.06
C ALA A 218 13.81 13.20 -18.92
N ALA A 219 12.56 12.82 -18.68
CA ALA A 219 11.76 13.37 -17.60
C ALA A 219 10.44 12.61 -17.52
N PRO A 220 9.88 12.44 -16.33
CA PRO A 220 8.59 11.75 -16.21
C PRO A 220 7.46 12.65 -16.68
N VAL A 221 6.31 12.01 -16.94
CA VAL A 221 5.10 12.71 -17.31
C VAL A 221 3.91 12.04 -16.62
N CYS A 222 2.77 12.72 -16.65
CA CYS A 222 1.56 12.28 -15.97
C CYS A 222 0.57 11.75 -17.01
N PHE A 223 0.23 10.47 -16.90
CA PHE A 223 -0.80 9.85 -17.71
C PHE A 223 -2.05 9.70 -16.86
N GLN A 224 -3.20 9.93 -17.48
CA GLN A 224 -4.48 9.89 -16.77
C GLN A 224 -5.56 9.31 -17.67
N GLU A 225 -6.60 8.78 -17.04
CA GLU A 225 -7.77 8.34 -17.77
C GLU A 225 -8.45 9.52 -18.44
N LEU A 226 -8.77 9.36 -19.72
CA LEU A 226 -9.40 10.43 -20.49
C LEU A 226 -10.84 10.60 -20.04
N LEU A 227 -11.07 11.57 -19.15
CA LEU A 227 -12.42 11.93 -18.74
C LEU A 227 -13.12 12.70 -19.87
N THR A 228 -14.36 12.33 -20.17
CA THR A 228 -15.04 12.87 -21.34
C THR A 228 -16.06 13.96 -21.02
N GLY A 229 -16.34 14.22 -19.73
CA GLY A 229 -17.29 15.25 -19.36
C GLY A 229 -16.81 16.66 -19.62
N ASP A 230 -17.35 17.58 -18.83
CA ASP A 230 -17.01 18.97 -19.00
C ASP A 230 -16.19 19.50 -17.86
N ASP A 231 -15.22 20.35 -18.18
CA ASP A 231 -14.45 20.98 -17.12
C ASP A 231 -15.33 21.94 -16.34
N VAL A 232 -15.18 21.94 -15.03
CA VAL A 232 -15.88 22.88 -14.17
C VAL A 232 -14.86 23.54 -13.26
N ARG A 233 -14.86 24.87 -13.29
CA ARG A 233 -13.97 25.63 -12.43
C ARG A 233 -14.71 26.17 -11.26
N VAL A 234 -14.37 25.67 -10.10
CA VAL A 234 -15.02 26.08 -8.86
C VAL A 234 -14.10 27.02 -8.11
N TYR A 235 -14.62 28.15 -7.69
CA TYR A 235 -13.88 29.12 -6.90
C TYR A 235 -14.29 29.01 -5.44
N VAL A 236 -13.31 28.89 -4.55
CA VAL A 236 -13.55 28.78 -3.12
C VAL A 236 -12.76 29.87 -2.42
N ILE A 237 -13.42 30.60 -1.52
CA ILE A 237 -12.79 31.62 -0.70
C ILE A 237 -13.26 31.40 0.73
N ASP A 238 -12.34 31.17 1.65
CA ASP A 238 -12.64 31.01 3.07
C ASP A 238 -13.80 30.03 3.29
N ASP A 239 -13.64 28.82 2.79
CA ASP A 239 -14.65 27.79 3.02
C ASP A 239 -16.03 28.12 2.51
N GLN A 240 -16.13 28.68 1.31
CA GLN A 240 -17.42 28.97 0.71
C GLN A 240 -17.27 29.09 -0.79
N VAL A 241 -18.08 28.34 -1.53
CA VAL A 241 -18.01 28.34 -2.98
C VAL A 241 -18.65 29.61 -3.53
N ILE A 242 -17.87 30.37 -4.31
CA ILE A 242 -18.36 31.61 -4.91
C ILE A 242 -19.21 31.30 -6.14
N CYS A 243 -18.77 30.37 -6.97
CA CYS A 243 -19.50 30.01 -8.19
C CYS A 243 -18.85 28.76 -8.75
N ALA A 244 -19.48 28.22 -9.79
CA ALA A 244 -19.00 27.03 -10.47
C ALA A 244 -19.28 27.22 -11.96
N LEU A 245 -18.22 27.41 -12.75
CA LEU A 245 -18.33 27.79 -14.14
C LEU A 245 -18.01 26.59 -15.02
N ARG A 246 -18.98 26.20 -15.83
CA ARG A 246 -18.75 25.12 -16.78
C ARG A 246 -18.17 25.71 -18.03
N ILE A 247 -17.07 25.13 -18.50
CA ILE A 247 -16.40 25.56 -19.71
C ILE A 247 -16.74 24.57 -20.80
N VAL A 248 -17.26 25.06 -21.93
CA VAL A 248 -17.63 24.22 -23.06
C VAL A 248 -16.89 24.72 -24.30
N THR A 249 -16.31 23.77 -25.04
CA THR A 249 -15.69 24.07 -26.33
C THR A 249 -16.76 23.95 -27.40
N ASP A 250 -17.09 25.08 -28.03
CA ASP A 250 -18.14 25.15 -29.05
C ASP A 250 -17.65 24.40 -30.29
N GLU A 251 -18.07 23.14 -30.42
CA GLU A 251 -17.61 22.28 -31.50
C GLU A 251 -18.39 22.46 -32.80
N ILE A 252 -19.39 23.34 -32.81
CA ILE A 252 -20.30 23.48 -33.96
C ILE A 252 -19.59 23.92 -35.24
N ASP A 253 -19.03 25.12 -35.24
CA ASP A 253 -18.37 25.66 -36.42
C ASP A 253 -16.87 25.48 -36.22
N PHE A 254 -16.23 24.74 -37.12
CA PHE A 254 -14.80 24.46 -36.99
C PHE A 254 -13.92 25.61 -37.46
N ARG A 255 -14.46 26.61 -38.11
CA ARG A 255 -13.57 27.66 -38.55
C ARG A 255 -13.27 28.64 -37.44
N GLN A 256 -14.12 28.67 -36.40
CA GLN A 256 -13.94 29.61 -35.30
C GLN A 256 -14.47 29.02 -34.01
N ALA A 257 -13.70 28.13 -33.39
CA ALA A 257 -14.11 27.53 -32.13
C ALA A 257 -14.09 28.58 -31.01
N GLU A 258 -15.19 28.60 -30.28
CA GLU A 258 -15.32 29.56 -29.20
C GLU A 258 -15.48 28.83 -27.90
N GLU A 259 -15.23 29.50 -26.78
CA GLU A 259 -15.36 28.90 -25.46
C GLU A 259 -16.54 29.54 -24.74
N ARG A 260 -17.56 28.75 -24.46
CA ARG A 260 -18.75 29.21 -23.75
C ARG A 260 -18.64 28.83 -22.29
N ILE A 261 -18.64 29.82 -21.40
CA ILE A 261 -18.51 29.60 -19.97
C ILE A 261 -19.80 30.03 -19.30
N GLU A 262 -20.35 29.15 -18.47
CA GLU A 262 -21.67 29.35 -17.88
C GLU A 262 -21.64 29.05 -16.40
N ALA A 263 -22.16 29.97 -15.60
CA ALA A 263 -22.37 29.69 -14.18
C ALA A 263 -23.43 28.60 -14.02
N ILE A 264 -23.12 27.58 -13.23
CA ILE A 264 -24.02 26.45 -13.03
C ILE A 264 -24.14 26.17 -11.54
N GLU A 265 -25.17 25.43 -11.21
CA GLU A 265 -25.36 25.08 -9.83
C GLU A 265 -24.83 23.71 -9.57
N ILE A 266 -24.11 23.58 -8.48
CA ILE A 266 -23.53 22.30 -8.08
C ILE A 266 -24.18 21.87 -6.77
N SER A 267 -24.42 20.57 -6.65
CA SER A 267 -25.02 20.03 -5.44
C SER A 267 -24.18 20.41 -4.22
N ASP A 268 -24.84 20.44 -3.06
CA ASP A 268 -24.13 20.76 -1.82
C ASP A 268 -23.04 19.74 -1.54
N GLU A 269 -23.23 18.49 -1.97
CA GLU A 269 -22.17 17.50 -1.82
C GLU A 269 -20.89 17.97 -2.50
N VAL A 270 -21.00 18.40 -3.75
CA VAL A 270 -19.85 18.90 -4.49
C VAL A 270 -19.24 20.12 -3.79
N LYS A 271 -20.09 21.03 -3.31
CA LYS A 271 -19.60 22.22 -2.62
C LYS A 271 -18.76 21.84 -1.40
N ASP A 272 -19.30 20.95 -0.55
CA ASP A 272 -18.58 20.56 0.66
C ASP A 272 -17.30 19.83 0.31
N GLN A 273 -17.31 19.03 -0.77
CA GLN A 273 -16.09 18.37 -1.20
C GLN A 273 -15.03 19.39 -1.62
N CYS A 274 -15.44 20.41 -2.38
CA CYS A 274 -14.48 21.45 -2.80
C CYS A 274 -13.92 22.19 -1.59
N VAL A 275 -14.77 22.52 -0.63
CA VAL A 275 -14.29 23.21 0.57
C VAL A 275 -13.31 22.33 1.33
N ARG A 276 -13.62 21.04 1.44
CA ARG A 276 -12.73 20.09 2.15
C ARG A 276 -11.39 20.02 1.43
N ALA A 277 -11.40 19.99 0.10
CA ALA A 277 -10.15 19.95 -0.65
C ALA A 277 -9.32 21.20 -0.42
N ALA A 278 -9.96 22.36 -0.53
CA ALA A 278 -9.24 23.61 -0.27
C ALA A 278 -8.61 23.61 1.12
N LYS A 279 -9.28 23.01 2.09
CA LYS A 279 -8.73 23.02 3.43
C LYS A 279 -7.57 22.09 3.46
N LEU A 280 -7.75 20.91 2.91
CA LEU A 280 -6.68 19.92 2.93
C LEU A 280 -5.39 20.49 2.36
N VAL A 281 -5.44 21.04 1.15
CA VAL A 281 -4.22 21.56 0.55
C VAL A 281 -3.67 22.72 1.34
N GLY A 282 -4.54 23.57 1.87
CA GLY A 282 -4.09 24.71 2.65
C GLY A 282 -4.21 26.01 1.90
N LEU A 283 -5.34 26.20 1.22
CA LEU A 283 -5.59 27.42 0.46
C LEU A 283 -6.77 28.17 1.05
N ARG A 284 -6.70 29.50 0.95
CA ARG A 284 -7.85 30.33 1.28
C ARG A 284 -8.66 30.65 0.04
N TYR A 285 -8.00 31.23 -0.96
CA TYR A 285 -8.58 31.51 -2.26
C TYR A 285 -8.03 30.49 -3.25
N THR A 286 -8.92 29.71 -3.87
CA THR A 286 -8.51 28.66 -4.78
C THR A 286 -9.48 28.53 -5.94
N GLY A 287 -8.93 28.50 -7.15
CA GLY A 287 -9.70 28.12 -8.32
C GLY A 287 -9.38 26.68 -8.71
N MET A 288 -10.21 25.73 -8.30
CA MET A 288 -9.91 24.33 -8.55
C MET A 288 -10.66 23.82 -9.77
N ASP A 289 -9.97 23.00 -10.57
CA ASP A 289 -10.54 22.39 -11.76
C ASP A 289 -10.99 20.97 -11.43
N ILE A 290 -12.26 20.69 -11.71
CA ILE A 290 -12.86 19.37 -11.60
C ILE A 290 -13.40 18.97 -12.98
N LYS A 291 -13.69 17.67 -13.14
CA LYS A 291 -14.16 17.16 -14.42
C LYS A 291 -14.92 15.87 -14.20
N ALA A 292 -16.05 15.74 -14.89
CA ALA A 292 -16.91 14.58 -14.78
C ALA A 292 -16.50 13.51 -15.77
N GLY A 293 -16.73 12.25 -15.40
CA GLY A 293 -16.44 11.13 -16.25
C GLY A 293 -17.61 10.79 -17.17
N ALA A 294 -17.51 9.61 -17.78
CA ALA A 294 -18.65 9.12 -18.56
C ALA A 294 -19.89 9.00 -17.68
N ASP A 295 -19.72 8.52 -16.45
CA ASP A 295 -20.83 8.40 -15.50
C ASP A 295 -21.35 9.74 -15.01
N GLY A 296 -20.84 10.86 -15.52
CA GLY A 296 -21.37 12.15 -15.14
C GLY A 296 -21.10 12.58 -13.72
N ASN A 297 -20.03 12.05 -13.13
CA ASN A 297 -19.64 12.42 -11.77
C ASN A 297 -18.27 13.06 -11.79
N TYR A 298 -18.06 14.07 -10.94
CA TYR A 298 -16.84 14.87 -11.01
C TYR A 298 -15.66 14.17 -10.34
N ARG A 299 -14.50 14.30 -10.97
CA ARG A 299 -13.21 13.98 -10.36
C ARG A 299 -12.43 15.27 -10.21
N VAL A 300 -11.71 15.41 -9.11
CA VAL A 300 -10.89 16.61 -8.91
C VAL A 300 -9.64 16.51 -9.76
N LEU A 301 -9.41 17.52 -10.60
CA LEU A 301 -8.22 17.58 -11.44
C LEU A 301 -7.09 18.31 -10.70
N GLU A 302 -7.35 19.53 -10.23
CA GLU A 302 -6.28 20.22 -9.52
C GLU A 302 -6.67 21.56 -8.90
N LEU A 303 -6.14 21.84 -7.70
CA LEU A 303 -6.31 23.13 -7.05
C LEU A 303 -5.12 24.03 -7.37
N ASN A 304 -5.41 25.27 -7.74
CA ASN A 304 -4.37 26.24 -8.08
C ASN A 304 -4.08 27.15 -6.88
N ALA A 305 -2.82 27.53 -6.75
CA ALA A 305 -2.37 28.33 -5.62
C ALA A 305 -2.47 29.84 -5.86
N SER A 306 -2.50 30.27 -7.12
CA SER A 306 -2.75 31.66 -7.45
C SER A 306 -3.62 31.72 -8.71
N ALA A 307 -4.85 31.23 -8.57
CA ALA A 307 -5.73 31.09 -9.73
C ALA A 307 -6.04 32.46 -10.33
N MET A 308 -6.31 32.46 -11.63
CA MET A 308 -6.82 33.64 -12.31
C MET A 308 -8.35 33.64 -12.35
N PHE A 309 -8.93 34.82 -12.55
CA PHE A 309 -10.38 34.89 -12.54
C PHE A 309 -10.99 35.89 -13.53
N ARG A 310 -10.17 36.70 -14.16
CA ARG A 310 -10.71 37.73 -15.02
C ARG A 310 -11.45 37.19 -16.23
N GLY A 311 -10.81 36.31 -16.96
CA GLY A 311 -11.45 35.74 -18.14
C GLY A 311 -12.74 35.03 -17.79
N PHE A 312 -12.77 34.34 -16.65
CA PHE A 312 -14.00 33.65 -16.22
C PHE A 312 -15.10 34.65 -15.85
N GLU A 313 -14.77 35.67 -15.05
CA GLU A 313 -15.74 36.74 -14.79
C GLU A 313 -16.33 37.27 -16.09
N GLY A 314 -15.48 37.61 -17.06
CA GLY A 314 -15.98 38.20 -18.29
C GLY A 314 -16.89 37.26 -19.08
N ARG A 315 -16.42 36.06 -19.33
CA ARG A 315 -17.20 35.17 -20.17
C ARG A 315 -18.39 34.54 -19.48
N ALA A 316 -18.45 34.61 -18.15
CA ALA A 316 -19.53 33.98 -17.41
C ALA A 316 -20.41 34.97 -16.66
N ASN A 317 -20.06 36.26 -16.66
CA ASN A 317 -20.87 37.30 -16.02
C ASN A 317 -21.08 37.00 -14.54
N VAL A 318 -19.97 36.75 -13.84
CA VAL A 318 -19.97 36.52 -12.40
C VAL A 318 -18.92 37.44 -11.76
N ASP A 319 -19.01 37.60 -10.45
CA ASP A 319 -18.10 38.47 -9.70
C ASP A 319 -17.27 37.62 -8.76
N ILE A 320 -16.00 37.43 -9.09
CA ILE A 320 -15.06 36.73 -8.22
C ILE A 320 -14.14 37.70 -7.50
N CYS A 321 -13.74 38.78 -8.15
CA CYS A 321 -12.88 39.77 -7.51
C CYS A 321 -13.58 40.42 -6.31
N GLY A 322 -14.89 40.60 -6.39
CA GLY A 322 -15.63 41.23 -5.33
C GLY A 322 -15.54 40.45 -4.03
N PRO A 323 -15.95 39.18 -4.07
CA PRO A 323 -15.83 38.36 -2.86
C PRO A 323 -14.42 38.28 -2.31
N LEU A 324 -13.41 38.28 -3.18
CA LEU A 324 -12.03 38.26 -2.71
C LEU A 324 -11.70 39.54 -1.95
N CYS A 325 -12.03 40.69 -2.54
CA CYS A 325 -11.76 41.95 -1.85
C CYS A 325 -12.49 42.01 -0.52
N ASP A 326 -13.72 41.48 -0.48
CA ASP A 326 -14.48 41.51 0.75
C ASP A 326 -13.87 40.60 1.81
N ALA A 327 -13.43 39.40 1.41
CA ALA A 327 -12.75 38.52 2.35
C ALA A 327 -11.49 39.18 2.91
N LEU A 328 -10.72 39.84 2.05
CA LEU A 328 -9.54 40.56 2.49
C LEU A 328 -9.89 41.65 3.49
N ILE A 329 -10.90 42.46 3.17
CA ILE A 329 -11.27 43.57 4.04
C ILE A 329 -11.83 43.06 5.37
N ALA A 330 -12.47 41.88 5.37
CA ALA A 330 -13.02 41.33 6.60
C ALA A 330 -11.95 40.95 7.60
N GLN A 331 -10.69 40.85 7.16
CA GLN A 331 -9.60 40.54 8.07
C GLN A 331 -9.17 41.75 8.89
N THR A 332 -9.42 42.95 8.37
CA THR A 332 -8.96 44.15 9.02
C THR A 332 -9.81 44.48 10.18
N LYS A 333 -11.08 44.15 10.07
CA LYS A 333 -12.02 44.49 11.12
C LYS A 333 -11.65 43.76 12.40
N ASN B 23 12.06 -8.56 -1.22
CA ASN B 23 13.38 -8.75 -1.79
C ASN B 23 14.39 -7.89 -1.08
N LEU B 24 14.00 -6.65 -0.80
CA LEU B 24 14.88 -5.74 -0.09
C LEU B 24 14.13 -5.25 1.13
N ASP B 25 14.85 -4.63 2.06
CA ASP B 25 14.21 -4.21 3.28
C ASP B 25 13.18 -3.14 3.05
N THR B 26 13.54 -2.06 2.38
CA THR B 26 12.63 -0.92 2.18
C THR B 26 11.91 -0.59 3.44
N SER B 27 12.66 -0.47 4.53
CA SER B 27 12.07 -0.14 5.78
C SER B 27 12.87 1.04 6.18
N ILE B 28 14.17 0.96 6.01
CA ILE B 28 14.98 2.14 6.26
C ILE B 28 15.58 2.57 4.93
N VAL B 29 15.30 3.79 4.51
CA VAL B 29 15.71 4.26 3.19
C VAL B 29 16.65 5.44 3.35
N VAL B 30 17.74 5.43 2.58
CA VAL B 30 18.75 6.48 2.58
C VAL B 30 18.68 7.14 1.20
N VAL B 31 18.30 8.41 1.16
CA VAL B 31 18.16 9.14 -0.10
C VAL B 31 19.48 9.87 -0.37
N GLY B 32 20.19 9.42 -1.41
CA GLY B 32 21.48 10.01 -1.72
C GLY B 32 22.31 9.08 -2.59
N SER B 33 23.49 9.57 -2.96
CA SER B 33 24.37 8.85 -3.88
C SER B 33 25.32 7.94 -3.12
N PRO B 34 25.64 6.77 -3.67
CA PRO B 34 26.63 5.90 -3.04
C PRO B 34 28.02 6.52 -3.00
N ASP B 35 28.32 7.44 -3.92
CA ASP B 35 29.60 8.13 -3.92
C ASP B 35 29.76 9.11 -2.75
N ASP B 36 28.74 9.25 -1.92
CA ASP B 36 28.76 10.23 -0.83
C ASP B 36 29.31 9.59 0.45
N LEU B 37 30.25 10.28 1.10
CA LEU B 37 30.86 9.73 2.30
C LEU B 37 29.84 9.53 3.41
N HIS B 38 28.86 10.45 3.51
CA HIS B 38 27.91 10.36 4.59
C HIS B 38 26.90 9.24 4.37
N VAL B 39 26.43 9.10 3.12
CA VAL B 39 25.65 7.91 2.78
C VAL B 39 26.42 6.66 3.17
N GLN B 40 27.73 6.64 2.87
CA GLN B 40 28.55 5.48 3.19
C GLN B 40 28.58 5.21 4.69
N SER B 41 28.76 6.25 5.48
CA SER B 41 28.87 6.04 6.90
C SER B 41 27.57 5.53 7.43
N VAL B 42 26.47 6.14 7.03
CA VAL B 42 25.17 5.74 7.54
C VAL B 42 24.86 4.30 7.17
N THR B 43 25.17 3.91 5.92
CA THR B 43 24.95 2.52 5.51
C THR B 43 25.84 1.57 6.30
N GLU B 44 27.07 1.98 6.58
CA GLU B 44 27.96 1.12 7.37
C GLU B 44 27.44 0.96 8.79
N GLY B 45 26.97 2.05 9.40
CA GLY B 45 26.42 1.95 10.75
C GLY B 45 25.16 1.14 10.82
N LEU B 46 24.34 1.16 9.76
CA LEU B 46 23.14 0.34 9.74
C LEU B 46 23.46 -1.13 9.46
N ARG B 47 24.51 -1.37 8.70
CA ARG B 47 24.93 -2.75 8.45
C ARG B 47 25.47 -3.32 9.74
N ALA B 48 26.45 -2.63 10.32
CA ALA B 48 27.01 -3.06 11.60
C ALA B 48 25.94 -3.19 12.69
N ARG B 49 24.73 -2.72 12.44
CA ARG B 49 23.67 -2.77 13.45
C ARG B 49 22.60 -3.78 13.11
N GLY B 50 22.63 -4.33 11.90
CA GLY B 50 21.73 -5.40 11.54
C GLY B 50 20.71 -5.06 10.47
N HIS B 51 20.66 -3.82 9.99
CA HIS B 51 19.69 -3.41 8.98
C HIS B 51 20.44 -3.00 7.72
N GLU B 52 20.37 -3.84 6.68
CA GLU B 52 20.85 -3.43 5.37
C GLU B 52 19.80 -2.53 4.74
N PRO B 53 20.09 -1.24 4.58
CA PRO B 53 19.07 -0.30 4.12
C PRO B 53 18.93 -0.27 2.60
N TYR B 54 17.73 0.10 2.17
CA TYR B 54 17.51 0.44 0.77
C TYR B 54 18.09 1.81 0.50
N VAL B 55 18.80 1.95 -0.62
CA VAL B 55 19.46 3.20 -0.97
C VAL B 55 18.80 3.77 -2.21
N PHE B 56 18.08 4.86 -2.02
CA PHE B 56 17.40 5.58 -3.13
C PHE B 56 18.40 6.56 -3.71
N ASP B 57 19.06 6.13 -4.79
CA ASP B 57 20.07 6.95 -5.46
C ASP B 57 19.37 7.78 -6.54
N THR B 58 18.73 8.87 -6.10
CA THR B 58 17.92 9.67 -7.01
C THR B 58 18.75 10.36 -8.09
N GLN B 59 20.08 10.34 -8.01
CA GLN B 59 20.88 10.88 -9.08
C GLN B 59 20.71 10.09 -10.37
N ARG B 60 20.18 8.87 -10.27
CA ARG B 60 19.91 8.01 -11.42
C ARG B 60 18.52 8.20 -12.00
N PHE B 61 17.70 9.07 -11.40
CA PHE B 61 16.24 9.00 -11.56
C PHE B 61 15.76 8.91 -13.00
N PRO B 62 15.94 9.92 -13.83
CA PRO B 62 15.31 9.89 -15.15
C PRO B 62 15.99 8.92 -16.12
N GLU B 63 17.29 9.06 -16.28
CA GLU B 63 17.97 8.28 -17.30
C GLU B 63 18.16 6.84 -17.01
N GLU B 64 18.35 6.48 -15.75
CA GLU B 64 18.64 5.10 -15.39
C GLU B 64 17.53 4.40 -14.61
N MET B 65 17.32 4.79 -13.36
CA MET B 65 16.29 4.12 -12.56
C MET B 65 14.90 4.57 -13.00
N THR B 66 13.88 3.95 -12.42
CA THR B 66 12.50 4.25 -12.77
C THR B 66 11.64 4.30 -11.51
N VAL B 67 10.79 5.32 -11.43
CA VAL B 67 9.80 5.44 -10.37
C VAL B 67 8.44 5.70 -11.00
N SER B 68 7.41 5.08 -10.45
CA SER B 68 6.04 5.20 -10.93
C SER B 68 5.14 5.45 -9.75
N LEU B 69 4.34 6.50 -9.83
CA LEU B 69 3.35 6.82 -8.82
C LEU B 69 1.96 6.65 -9.41
N GLY B 70 1.07 6.00 -8.65
CA GLY B 70 -0.34 5.99 -8.95
C GLY B 70 -1.07 7.05 -8.13
N GLU B 71 -2.37 7.14 -8.37
CA GLU B 71 -3.17 8.14 -7.66
C GLU B 71 -3.30 7.80 -6.17
N GLN B 72 -3.11 6.53 -5.81
CA GLN B 72 -3.17 6.10 -4.42
C GLN B 72 -1.82 6.26 -3.81
N GLY B 73 -1.76 6.81 -2.61
CA GLY B 73 -0.47 7.17 -2.04
C GLY B 73 0.47 5.99 -1.85
N ALA B 74 -0.07 4.78 -1.78
CA ALA B 74 0.77 3.60 -1.61
C ALA B 74 1.35 3.08 -2.93
N SER B 75 0.86 3.57 -4.07
CA SER B 75 1.34 3.12 -5.38
C SER B 75 2.62 3.86 -5.74
N ILE B 76 3.68 3.52 -5.01
CA ILE B 76 5.03 4.03 -5.27
C ILE B 76 5.89 2.84 -5.66
N PHE B 77 6.41 2.86 -6.88
CA PHE B 77 7.18 1.74 -7.42
C PHE B 77 8.53 2.24 -7.91
N VAL B 78 9.60 1.81 -7.27
CA VAL B 78 10.96 2.18 -7.64
C VAL B 78 11.61 0.97 -8.29
N ASP B 79 11.95 1.09 -9.58
CA ASP B 79 12.60 0.01 -10.32
C ASP B 79 11.76 -1.27 -10.25
N GLY B 80 10.44 -1.12 -10.33
CA GLY B 80 9.54 -2.23 -10.35
C GLY B 80 9.08 -2.73 -9.00
N GLN B 81 9.78 -2.37 -7.92
CA GLN B 81 9.47 -2.85 -6.58
C GLN B 81 8.65 -1.80 -5.84
N GLN B 82 7.47 -2.19 -5.36
CA GLN B 82 6.61 -1.27 -4.62
C GLN B 82 7.27 -0.89 -3.28
N ILE B 83 7.40 0.42 -3.05
CA ILE B 83 7.97 0.93 -1.82
C ILE B 83 7.05 1.97 -1.18
N ALA B 84 5.92 1.53 -0.64
CA ALA B 84 5.04 2.40 0.09
C ALA B 84 5.40 2.38 1.57
N ARG B 85 5.41 3.54 2.18
CA ARG B 85 5.65 3.61 3.59
C ARG B 85 6.90 2.96 4.17
N PRO B 86 8.13 3.51 3.95
CA PRO B 86 9.26 3.04 4.77
C PRO B 86 9.10 3.47 6.21
N ALA B 87 9.82 2.80 7.10
CA ALA B 87 9.76 3.14 8.52
C ALA B 87 10.52 4.43 8.81
N ALA B 88 11.68 4.63 8.19
CA ALA B 88 12.47 5.83 8.42
C ALA B 88 13.27 6.15 7.18
N VAL B 89 13.57 7.44 6.99
CA VAL B 89 14.32 7.92 5.85
C VAL B 89 15.41 8.88 6.35
N TYR B 90 16.63 8.69 5.88
CA TYR B 90 17.70 9.66 6.05
C TYR B 90 17.89 10.38 4.73
N LEU B 91 17.56 11.66 4.72
CA LEU B 91 17.59 12.46 3.50
C LEU B 91 18.90 13.23 3.47
N ARG B 92 19.75 12.89 2.52
CA ARG B 92 21.01 13.59 2.36
C ARG B 92 20.94 14.58 1.22
N SER B 93 20.75 14.12 -0.01
CA SER B 93 20.62 15.02 -1.14
C SER B 93 19.40 14.66 -1.99
N VAL B 103 24.62 19.35 -11.91
CA VAL B 103 24.40 18.57 -13.12
C VAL B 103 25.08 19.26 -14.30
N ASP B 104 25.50 18.48 -15.30
CA ASP B 104 26.08 19.08 -16.50
C ASP B 104 24.95 19.54 -17.42
N ALA B 105 24.82 20.85 -17.55
CA ALA B 105 23.78 21.38 -18.43
C ALA B 105 24.08 22.77 -18.95
N ASP B 106 25.31 23.24 -18.92
CA ASP B 106 25.57 24.61 -19.36
C ASP B 106 25.15 24.79 -20.83
N LYS B 107 25.37 23.75 -21.64
CA LYS B 107 24.85 23.76 -23.01
C LYS B 107 23.33 23.88 -23.02
N ALA B 108 22.66 23.06 -22.21
CA ALA B 108 21.20 23.09 -22.17
C ALA B 108 20.67 24.41 -21.64
N MET B 109 21.37 25.02 -20.68
CA MET B 109 20.91 26.29 -20.13
C MET B 109 21.15 27.45 -21.09
N GLN B 110 22.17 27.37 -21.96
CA GLN B 110 22.31 28.44 -22.95
C GLN B 110 21.52 28.20 -24.23
N ASP B 111 21.16 26.95 -24.54
CA ASP B 111 20.35 26.71 -25.74
C ASP B 111 18.87 26.96 -25.48
N ASN B 112 18.36 26.51 -24.33
CA ASN B 112 16.94 26.74 -23.99
C ASN B 112 16.82 26.61 -22.47
N TRP B 113 16.95 27.74 -21.78
CA TRP B 113 16.97 27.70 -20.32
C TRP B 113 15.56 27.49 -19.75
N ARG B 114 14.55 28.08 -20.37
CA ARG B 114 13.18 27.90 -19.89
C ARG B 114 12.82 26.42 -19.92
N ARG B 115 13.13 25.74 -21.00
CA ARG B 115 12.80 24.33 -21.11
C ARG B 115 13.57 23.48 -20.15
N THR B 116 14.86 23.79 -20.01
CA THR B 116 15.68 22.98 -19.09
C THR B 116 15.21 23.15 -17.65
N LEU B 117 14.90 24.38 -17.24
CA LEU B 117 14.41 24.59 -15.89
C LEU B 117 13.09 23.86 -15.67
N LEU B 118 12.21 23.88 -16.68
CA LEU B 118 10.96 23.12 -16.54
C LEU B 118 11.22 21.62 -16.45
N ALA B 119 12.18 21.09 -17.22
CA ALA B 119 12.48 19.66 -17.16
C ALA B 119 12.99 19.27 -15.78
N PHE B 120 13.83 20.09 -15.21
CA PHE B 120 14.35 19.80 -13.89
C PHE B 120 13.24 19.89 -12.88
N ARG B 121 12.29 20.78 -13.12
CA ARG B 121 11.16 20.85 -12.20
C ARG B 121 10.27 19.61 -12.30
N GLU B 122 10.10 19.05 -13.50
CA GLU B 122 9.36 17.80 -13.61
C GLU B 122 10.00 16.70 -12.76
N ARG B 123 11.28 16.51 -12.90
CA ARG B 123 11.96 15.51 -12.12
C ARG B 123 11.87 15.80 -10.64
N SER B 124 12.31 16.96 -10.24
CA SER B 124 12.27 17.32 -8.82
C SER B 124 10.87 17.11 -8.25
N THR B 125 9.85 17.48 -9.02
CA THR B 125 8.48 17.34 -8.53
C THR B 125 8.16 15.88 -8.22
N LEU B 126 8.48 14.97 -9.14
CA LEU B 126 8.18 13.57 -8.83
C LEU B 126 8.95 13.08 -7.60
N MET B 127 10.24 13.45 -7.48
CA MET B 127 11.01 12.95 -6.33
C MET B 127 10.46 13.51 -5.00
N SER B 128 10.29 14.82 -4.95
CA SER B 128 9.71 15.46 -3.77
C SER B 128 8.36 14.85 -3.43
N ALA B 129 7.59 14.46 -4.46
CA ALA B 129 6.31 13.81 -4.21
C ALA B 129 6.51 12.49 -3.50
N VAL B 130 7.49 11.69 -3.93
CA VAL B 130 7.77 10.45 -3.23
C VAL B 130 7.98 10.73 -1.75
N LEU B 131 8.83 11.70 -1.43
CA LEU B 131 9.17 11.94 -0.03
C LEU B 131 7.95 12.43 0.76
N LEU B 132 7.16 13.32 0.16
CA LEU B 132 5.98 13.83 0.85
C LEU B 132 4.94 12.74 1.08
N ARG B 133 4.79 11.84 0.10
CA ARG B 133 3.89 10.71 0.27
C ARG B 133 4.31 9.85 1.45
N TRP B 134 5.59 9.48 1.50
CA TRP B 134 6.07 8.68 2.62
C TRP B 134 5.79 9.37 3.95
N GLU B 135 6.14 10.67 4.04
CA GLU B 135 5.90 11.37 5.30
C GLU B 135 4.43 11.34 5.70
N GLU B 136 3.52 11.57 4.74
CA GLU B 136 2.09 11.51 5.06
C GLU B 136 1.67 10.09 5.47
N ALA B 137 2.34 9.07 4.94
CA ALA B 137 1.99 7.69 5.25
C ALA B 137 2.35 7.30 6.68
N GLY B 138 3.22 8.07 7.33
CA GLY B 138 3.66 7.76 8.67
C GLY B 138 5.16 7.65 8.78
N THR B 139 5.84 7.64 7.63
CA THR B 139 7.29 7.51 7.62
C THR B 139 7.94 8.64 8.40
N ALA B 140 8.90 8.28 9.26
CA ALA B 140 9.67 9.26 10.02
C ALA B 140 10.84 9.68 9.13
N VAL B 141 10.63 10.74 8.37
CA VAL B 141 11.69 11.27 7.50
C VAL B 141 12.60 12.14 8.34
N TYR B 142 13.86 11.75 8.46
CA TYR B 142 14.81 12.51 9.26
C TYR B 142 15.27 13.70 8.45
N ASN B 143 14.67 14.86 8.79
CA ASN B 143 14.72 16.10 8.03
C ASN B 143 13.80 16.03 6.82
N SER B 144 12.51 16.28 7.06
CA SER B 144 11.49 16.34 6.02
C SER B 144 11.61 17.64 5.24
N PRO B 145 11.46 17.59 3.91
CA PRO B 145 11.58 18.83 3.12
C PRO B 145 10.57 19.90 3.52
N ARG B 146 9.52 19.55 4.23
CA ARG B 146 8.59 20.56 4.70
C ARG B 146 9.29 21.56 5.61
N ALA B 147 10.43 21.15 6.20
CA ALA B 147 11.15 22.04 7.10
C ALA B 147 11.79 23.20 6.36
N SER B 148 11.97 23.10 5.04
CA SER B 148 12.58 24.18 4.28
C SER B 148 11.93 25.52 4.61
N ALA B 149 10.60 25.56 4.65
CA ALA B 149 9.91 26.78 5.01
C ALA B 149 10.49 27.38 6.28
N ASN B 150 10.46 26.60 7.37
CA ASN B 150 10.92 27.14 8.64
C ASN B 150 12.42 27.40 8.66
N ILE B 151 13.14 26.92 7.65
CA ILE B 151 14.60 27.00 7.67
C ILE B 151 15.13 28.28 7.03
N THR B 152 14.31 28.98 6.23
CA THR B 152 14.72 30.28 5.60
C THR B 152 15.38 31.11 6.65
N LYS B 153 16.66 31.39 6.52
CA LYS B 153 17.44 31.97 7.61
C LYS B 153 16.83 33.24 8.20
N PRO B 154 16.58 34.26 7.37
CA PRO B 154 15.99 35.50 7.89
C PRO B 154 14.68 35.29 8.61
N PHE B 155 13.94 34.21 8.30
CA PHE B 155 12.77 33.85 9.10
C PHE B 155 13.10 32.88 10.22
N GLN B 156 14.12 32.04 10.04
CA GLN B 156 14.49 31.07 11.06
C GLN B 156 14.88 31.78 12.36
N LEU B 157 15.73 32.77 12.27
CA LEU B 157 16.20 33.43 13.48
C LEU B 157 15.07 34.19 14.16
N ALA B 158 14.16 34.75 13.37
CA ALA B 158 13.00 35.41 13.96
C ALA B 158 12.10 34.40 14.67
N LEU B 159 11.96 33.21 14.09
CA LEU B 159 11.21 32.16 14.77
C LEU B 159 11.83 31.85 16.13
N LEU B 160 13.15 31.64 16.14
CA LEU B 160 13.87 31.35 17.38
C LEU B 160 13.71 32.47 18.40
N ARG B 161 13.93 33.71 18.01
CA ARG B 161 13.87 34.80 18.97
C ARG B 161 12.47 35.04 19.45
N ASP B 162 11.53 35.19 18.52
CA ASP B 162 10.14 35.37 18.91
C ASP B 162 9.59 34.21 19.72
N ALA B 163 10.27 33.06 19.77
CA ALA B 163 9.88 32.03 20.72
C ALA B 163 10.74 32.04 22.00
N GLY B 164 11.45 33.12 22.29
CA GLY B 164 12.21 33.21 23.54
C GLY B 164 13.60 32.62 23.54
N LEU B 165 14.21 32.38 22.35
CA LEU B 165 15.54 31.80 22.42
C LEU B 165 16.61 32.86 22.20
N PRO B 166 17.78 32.69 22.80
CA PRO B 166 18.86 33.69 22.62
C PRO B 166 19.42 33.61 21.21
N VAL B 167 19.27 34.69 20.45
CA VAL B 167 19.85 34.80 19.12
C VAL B 167 20.65 36.09 19.06
N PRO B 168 21.67 36.18 18.21
CA PRO B 168 22.41 37.44 18.08
C PRO B 168 21.54 38.53 17.47
N ARG B 169 21.88 39.76 17.82
CA ARG B 169 21.21 40.88 17.23
C ARG B 169 21.61 40.83 15.79
N SER B 170 20.62 40.85 14.91
CA SER B 170 20.87 40.63 13.49
C SER B 170 20.13 41.68 12.65
N LEU B 171 20.61 41.83 11.41
CA LEU B 171 20.07 42.80 10.46
C LEU B 171 20.34 42.30 9.05
N TRP B 172 19.29 41.88 8.34
CA TRP B 172 19.35 41.61 6.92
C TRP B 172 18.86 42.84 6.18
N THR B 173 19.70 43.40 5.31
CA THR B 173 19.33 44.66 4.68
C THR B 173 20.11 44.88 3.39
N ASN B 174 19.54 45.73 2.52
CA ASN B 174 20.28 46.38 1.44
C ASN B 174 20.26 47.90 1.61
N ASP B 175 19.99 48.38 2.83
CA ASP B 175 19.85 49.80 3.12
C ASP B 175 21.08 50.28 3.87
N PRO B 176 21.95 51.08 3.26
CA PRO B 176 23.19 51.49 3.96
C PRO B 176 22.92 52.25 5.26
N GLU B 177 21.89 53.09 5.30
CA GLU B 177 21.57 53.81 6.53
C GLU B 177 21.18 52.85 7.64
N ALA B 178 20.47 51.78 7.29
CA ALA B 178 20.08 50.78 8.29
C ALA B 178 21.31 50.17 8.94
N VAL B 179 22.34 49.86 8.15
CA VAL B 179 23.52 49.22 8.70
C VAL B 179 24.39 50.22 9.46
N ARG B 180 24.40 51.49 9.05
CA ARG B 180 25.08 52.50 9.87
C ARG B 180 24.42 52.61 11.24
N ARG B 181 23.08 52.64 11.28
CA ARG B 181 22.40 52.71 12.58
C ARG B 181 22.61 51.43 13.38
N PHE B 182 22.56 50.26 12.72
CA PHE B 182 22.75 48.99 13.43
C PHE B 182 24.14 48.92 14.06
N HIS B 183 25.16 49.30 13.29
CA HIS B 183 26.51 49.36 13.83
C HIS B 183 26.58 50.34 15.01
N ALA B 184 25.98 51.52 14.85
CA ALA B 184 26.01 52.49 15.94
C ALA B 184 25.34 51.95 17.20
N GLU B 185 24.38 51.07 17.06
CA GLU B 185 23.67 50.64 18.25
C GLU B 185 24.30 49.47 18.92
N VAL B 186 24.75 48.50 18.12
CA VAL B 186 25.29 47.28 18.72
C VAL B 186 26.80 47.31 18.94
N GLY B 187 27.53 48.14 18.17
CA GLY B 187 28.98 48.20 18.30
C GLY B 187 29.70 47.50 17.17
N ASP B 188 30.81 46.85 17.49
CA ASP B 188 31.50 46.09 16.49
C ASP B 188 30.63 44.90 16.12
N CYS B 189 30.50 44.64 14.82
CA CYS B 189 29.68 43.55 14.34
C CYS B 189 30.37 42.87 13.16
N ILE B 190 29.73 41.81 12.65
CA ILE B 190 30.26 40.97 11.59
C ILE B 190 29.18 40.83 10.52
N TYR B 191 29.57 40.30 9.36
CA TYR B 191 28.62 40.09 8.29
C TYR B 191 28.90 38.78 7.56
N LYS B 192 27.86 37.97 7.42
CA LYS B 192 27.69 36.69 6.74
C LYS B 192 27.03 36.91 5.38
N PRO B 193 27.27 36.02 4.43
CA PRO B 193 26.46 36.05 3.20
C PRO B 193 25.01 35.73 3.52
N VAL B 194 24.08 36.35 2.83
CA VAL B 194 22.67 36.15 3.14
C VAL B 194 22.24 34.71 3.21
N ALA B 195 22.62 33.92 2.22
CA ALA B 195 22.15 32.54 2.18
C ALA B 195 23.16 31.53 2.67
N GLY B 196 24.42 31.91 2.75
CA GLY B 196 25.41 31.01 3.29
C GLY B 196 26.37 30.48 2.27
N GLY B 197 27.64 30.37 2.64
CA GLY B 197 28.64 29.88 1.71
C GLY B 197 30.02 30.43 2.01
N ALA B 198 30.08 31.66 2.49
CA ALA B 198 31.37 32.30 2.72
C ALA B 198 31.74 32.43 4.17
N ARG B 199 32.90 33.02 4.42
CA ARG B 199 33.38 33.16 5.77
C ARG B 199 32.80 34.35 6.44
N THR B 200 32.83 34.32 7.75
CA THR B 200 32.34 35.48 8.49
C THR B 200 33.46 36.51 8.65
N ARG B 201 33.16 37.76 8.32
CA ARG B 201 34.14 38.84 8.36
C ARG B 201 33.68 39.94 9.30
N LYS B 202 34.65 40.73 9.76
CA LYS B 202 34.34 41.79 10.69
C LYS B 202 34.14 43.08 10.00
N LEU B 203 33.07 43.78 10.36
CA LEU B 203 32.79 45.09 9.81
C LEU B 203 33.70 46.11 10.47
N GLU B 204 34.59 46.72 9.70
CA GLU B 204 35.55 47.69 10.20
C GLU B 204 35.13 49.08 9.74
N ALA B 205 35.62 50.10 10.47
CA ALA B 205 35.21 51.47 10.19
C ALA B 205 35.41 51.82 8.73
N LYS B 206 36.44 51.28 8.11
CA LYS B 206 36.71 51.58 6.71
C LYS B 206 35.58 51.12 5.81
N ASP B 207 34.86 50.10 6.25
CA ASP B 207 33.73 49.61 5.47
C ASP B 207 32.50 50.52 5.55
N LEU B 208 32.42 51.38 6.57
CA LEU B 208 31.21 52.19 6.72
C LEU B 208 31.23 53.45 5.85
N GLU B 209 32.35 53.75 5.21
CA GLU B 209 32.43 54.91 4.34
C GLU B 209 31.41 54.79 3.20
N ALA B 210 31.11 55.94 2.58
CA ALA B 210 30.14 55.93 1.49
C ALA B 210 30.54 54.95 0.39
N ASP B 211 31.81 54.99 -0.03
CA ASP B 211 32.26 54.09 -1.10
C ASP B 211 32.09 52.63 -0.70
N ARG B 212 32.56 52.26 0.49
CA ARG B 212 32.55 50.87 0.92
C ARG B 212 31.13 50.40 1.24
N ILE B 213 30.38 51.19 2.01
CA ILE B 213 29.05 50.79 2.43
C ILE B 213 28.04 50.78 1.29
N GLU B 214 28.23 51.60 0.25
CA GLU B 214 27.29 51.64 -0.85
C GLU B 214 27.23 50.32 -1.61
N ARG B 215 28.25 49.49 -1.48
CA ARG B 215 28.25 48.27 -2.25
C ARG B 215 26.98 47.46 -2.00
N LEU B 216 26.47 47.48 -0.78
CA LEU B 216 25.31 46.67 -0.45
C LEU B 216 24.01 47.22 -1.00
N SER B 217 24.07 48.29 -1.80
CA SER B 217 22.87 48.79 -2.46
C SER B 217 22.20 47.72 -3.31
N ALA B 218 22.97 46.71 -3.75
CA ALA B 218 22.40 45.58 -4.46
C ALA B 218 23.03 44.26 -4.04
N ALA B 219 23.80 44.25 -2.95
CA ALA B 219 24.46 43.05 -2.44
C ALA B 219 24.09 42.87 -0.98
N PRO B 220 22.89 42.35 -0.70
CA PRO B 220 22.47 42.17 0.70
C PRO B 220 23.30 41.10 1.38
N VAL B 221 23.77 41.41 2.59
CA VAL B 221 24.36 40.44 3.49
C VAL B 221 23.68 40.55 4.85
N CYS B 222 24.05 39.68 5.78
CA CYS B 222 23.47 39.65 7.12
C CYS B 222 24.51 40.15 8.11
N PHE B 223 24.16 41.21 8.85
CA PHE B 223 25.01 41.77 9.88
C PHE B 223 24.56 41.29 11.26
N GLN B 224 25.52 41.02 12.13
CA GLN B 224 25.21 40.48 13.44
C GLN B 224 26.18 41.04 14.47
N GLU B 225 25.68 41.24 15.69
CA GLU B 225 26.57 41.65 16.77
C GLU B 225 27.71 40.65 16.91
N LEU B 226 28.93 41.18 17.03
CA LEU B 226 30.11 40.33 17.09
C LEU B 226 30.18 39.63 18.45
N LEU B 227 30.03 38.31 18.45
CA LEU B 227 30.14 37.54 19.68
C LEU B 227 31.57 37.04 19.84
N THR B 228 32.12 37.38 21.01
CA THR B 228 33.52 37.12 21.31
C THR B 228 33.79 35.79 21.93
N GLY B 229 32.79 34.94 22.01
CA GLY B 229 33.01 33.67 22.72
C GLY B 229 33.59 32.62 21.80
N ASP B 230 33.45 31.36 22.17
CA ASP B 230 34.00 30.31 21.28
C ASP B 230 32.86 29.59 20.57
N ASP B 231 33.03 29.37 19.28
CA ASP B 231 32.01 28.71 18.43
C ASP B 231 31.77 27.30 18.97
N VAL B 232 30.54 26.84 18.93
CA VAL B 232 30.27 25.47 19.44
C VAL B 232 29.29 24.82 18.49
N ARG B 233 29.54 23.57 18.10
CA ARG B 233 28.61 22.85 17.27
C ARG B 233 27.96 21.84 18.17
N VAL B 234 26.63 21.75 18.13
CA VAL B 234 25.88 20.84 18.98
C VAL B 234 24.95 20.02 18.09
N TYR B 235 24.93 18.70 18.30
CA TYR B 235 24.07 17.85 17.48
C TYR B 235 22.85 17.37 18.27
N VAL B 236 21.68 17.43 17.63
CA VAL B 236 20.42 17.04 18.27
C VAL B 236 19.77 15.94 17.45
N ILE B 237 19.21 14.95 18.13
CA ILE B 237 18.47 13.86 17.50
C ILE B 237 17.34 13.44 18.42
N ASP B 238 16.10 13.60 17.95
CA ASP B 238 14.92 13.14 18.69
C ASP B 238 14.89 13.70 20.11
N ASP B 239 15.08 15.01 20.21
CA ASP B 239 14.90 15.74 21.48
C ASP B 239 16.02 15.43 22.47
N GLN B 240 17.18 15.04 21.96
CA GLN B 240 18.31 14.71 22.84
C GLN B 240 19.61 15.21 22.27
N VAL B 241 20.40 15.97 23.03
CA VAL B 241 21.70 16.40 22.58
C VAL B 241 22.66 15.22 22.56
N ILE B 242 23.47 15.13 21.52
CA ILE B 242 24.45 14.06 21.39
C ILE B 242 25.81 14.50 21.88
N CYS B 243 26.21 15.71 21.50
CA CYS B 243 27.52 16.25 21.87
C CYS B 243 27.59 17.70 21.44
N ALA B 244 28.66 18.35 21.90
CA ALA B 244 28.99 19.75 21.65
C ALA B 244 30.50 19.89 21.60
N LEU B 245 30.99 20.58 20.56
CA LEU B 245 32.43 20.73 20.32
C LEU B 245 32.75 22.20 20.08
N ARG B 246 33.63 22.73 20.94
CA ARG B 246 34.31 23.99 20.72
C ARG B 246 35.37 23.82 19.64
N ILE B 247 35.32 24.66 18.62
CA ILE B 247 36.24 24.57 17.49
C ILE B 247 37.20 25.75 17.62
N VAL B 248 38.20 25.59 18.50
CA VAL B 248 39.21 26.63 18.72
C VAL B 248 39.94 26.98 17.42
N ALA B 257 46.47 28.41 12.77
CA ALA B 257 46.47 27.19 13.55
C ALA B 257 45.51 26.20 12.94
N GLU B 258 45.73 24.93 13.21
CA GLU B 258 44.88 23.91 12.62
C GLU B 258 43.65 23.69 13.44
N GLU B 259 42.66 23.05 12.84
CA GLU B 259 41.43 22.85 13.53
C GLU B 259 41.70 21.93 14.67
N ARG B 260 41.31 22.37 15.85
CA ARG B 260 41.52 21.55 17.00
C ARG B 260 40.21 21.43 17.69
N ILE B 261 39.21 20.90 17.02
CA ILE B 261 37.89 20.88 17.66
C ILE B 261 37.92 19.80 18.73
N GLU B 262 37.44 20.15 19.91
CA GLU B 262 37.47 19.24 21.02
C GLU B 262 36.13 19.16 21.67
N ALA B 263 35.79 17.96 22.12
CA ALA B 263 34.49 17.75 22.74
C ALA B 263 34.41 18.49 24.07
N ILE B 264 33.25 19.04 24.37
CA ILE B 264 32.96 19.67 25.65
C ILE B 264 31.57 19.26 26.12
N GLU B 265 31.21 19.75 27.30
CA GLU B 265 29.92 19.52 27.91
C GLU B 265 29.33 20.88 28.28
N ILE B 266 28.02 21.02 28.12
CA ILE B 266 27.34 22.29 28.33
C ILE B 266 26.21 22.08 29.32
N SER B 267 25.65 23.19 29.77
CA SER B 267 24.57 23.18 30.74
C SER B 267 23.34 22.46 30.19
N ASP B 268 22.47 22.03 31.11
CA ASP B 268 21.19 21.46 30.71
C ASP B 268 20.20 22.54 30.28
N GLU B 269 20.40 23.78 30.70
CA GLU B 269 19.61 24.88 30.17
C GLU B 269 19.84 25.04 28.68
N VAL B 270 21.10 25.06 28.25
CA VAL B 270 21.39 25.22 26.83
C VAL B 270 21.02 23.97 26.05
N LYS B 271 21.16 22.78 26.66
CA LYS B 271 20.63 21.57 26.03
C LYS B 271 19.14 21.71 25.74
N ASP B 272 18.40 22.15 26.77
CA ASP B 272 16.96 22.37 26.61
C ASP B 272 16.69 23.35 25.48
N GLN B 273 17.40 24.48 25.46
CA GLN B 273 17.20 25.48 24.43
C GLN B 273 17.48 24.93 23.04
N CYS B 274 18.50 24.07 22.92
CA CYS B 274 18.85 23.52 21.61
C CYS B 274 17.78 22.56 21.10
N VAL B 275 17.32 21.65 21.96
CA VAL B 275 16.25 20.75 21.52
C VAL B 275 14.98 21.53 21.22
N ARG B 276 14.75 22.62 21.92
CA ARG B 276 13.58 23.43 21.63
C ARG B 276 13.72 24.05 20.28
N ALA B 277 14.89 24.60 20.00
CA ALA B 277 15.11 25.20 18.69
C ALA B 277 14.87 24.19 17.57
N ALA B 278 15.36 22.96 17.76
CA ALA B 278 15.19 21.95 16.72
C ALA B 278 13.73 21.54 16.56
N LYS B 279 12.95 21.56 17.64
CA LYS B 279 11.53 21.27 17.52
C LYS B 279 10.76 22.44 16.93
N LEU B 280 11.27 23.66 17.09
CA LEU B 280 10.64 24.82 16.46
C LEU B 280 10.85 24.80 14.95
N VAL B 281 12.09 24.61 14.52
CA VAL B 281 12.38 24.60 13.09
C VAL B 281 11.77 23.38 12.43
N GLY B 282 11.62 22.28 13.17
CA GLY B 282 11.01 21.08 12.63
C GLY B 282 12.00 20.08 12.09
N LEU B 283 13.14 19.94 12.77
CA LEU B 283 14.20 19.03 12.35
C LEU B 283 14.30 17.86 13.31
N ARG B 284 14.61 16.68 12.78
CA ARG B 284 14.87 15.51 13.59
C ARG B 284 16.35 15.30 13.87
N TYR B 285 17.22 15.65 12.94
CA TYR B 285 18.66 15.54 13.10
C TYR B 285 19.29 16.84 12.59
N THR B 286 19.86 17.63 13.50
CA THR B 286 20.40 18.93 13.15
C THR B 286 21.77 19.12 13.76
N GLY B 287 22.63 19.83 13.02
CA GLY B 287 23.91 20.27 13.52
C GLY B 287 23.90 21.76 13.70
N MET B 288 23.81 22.23 14.94
CA MET B 288 23.65 23.65 15.22
C MET B 288 24.98 24.33 15.37
N ASP B 289 24.99 25.62 15.05
CA ASP B 289 26.09 26.52 15.39
C ASP B 289 25.56 27.51 16.42
N ILE B 290 26.20 27.51 17.61
CA ILE B 290 25.94 28.44 18.70
C ILE B 290 27.25 29.08 19.12
N LYS B 291 27.18 30.35 19.49
CA LYS B 291 28.35 31.12 19.90
C LYS B 291 28.02 31.80 21.21
N ALA B 292 29.03 31.95 22.05
CA ALA B 292 28.88 32.56 23.36
C ALA B 292 29.24 34.04 23.30
N GLY B 293 28.50 34.85 24.04
CA GLY B 293 28.81 36.25 24.18
C GLY B 293 29.86 36.48 25.26
N ALA B 294 30.23 37.75 25.43
CA ALA B 294 31.21 38.09 26.44
C ALA B 294 30.72 37.75 27.84
N ASP B 295 29.39 37.67 27.98
CA ASP B 295 28.73 37.40 29.29
C ASP B 295 28.61 35.90 29.57
N GLY B 296 29.26 35.04 28.79
CA GLY B 296 29.22 33.61 29.03
C GLY B 296 27.93 32.92 28.64
N ASN B 297 27.01 33.63 28.02
CA ASN B 297 25.76 33.01 27.60
C ASN B 297 25.75 32.76 26.13
N TYR B 298 25.23 31.60 25.72
CA TYR B 298 25.26 31.18 24.34
C TYR B 298 24.10 31.78 23.56
N ARG B 299 24.33 32.01 22.26
CA ARG B 299 23.32 32.46 21.33
C ARG B 299 23.27 31.47 20.19
N VAL B 300 22.07 31.08 19.78
CA VAL B 300 21.93 30.19 18.64
C VAL B 300 22.25 30.97 17.38
N LEU B 301 23.15 30.42 16.55
CA LEU B 301 23.49 31.05 15.28
C LEU B 301 22.66 30.48 14.15
N GLU B 302 22.78 29.18 13.94
CA GLU B 302 22.11 28.59 12.81
C GLU B 302 21.91 27.11 12.87
N LEU B 303 20.73 26.62 12.51
CA LEU B 303 20.50 25.19 12.34
C LEU B 303 20.63 24.84 10.86
N ASN B 304 21.16 23.64 10.60
CA ASN B 304 21.42 23.19 9.23
C ASN B 304 20.47 22.07 8.85
N ALA B 305 19.93 22.18 7.63
CA ALA B 305 18.96 21.21 7.15
C ALA B 305 19.52 19.79 7.19
N SER B 306 20.79 19.61 6.81
CA SER B 306 21.42 18.30 6.88
C SER B 306 22.92 18.54 7.05
N ALA B 307 23.35 18.66 8.30
CA ALA B 307 24.72 18.99 8.61
C ALA B 307 25.65 17.80 8.41
N MET B 308 26.87 18.08 7.99
CA MET B 308 27.88 17.06 7.86
C MET B 308 28.53 16.75 9.22
N PHE B 309 29.11 15.55 9.31
CA PHE B 309 29.64 15.10 10.60
C PHE B 309 30.93 14.29 10.47
N ARG B 310 31.27 13.89 9.27
CA ARG B 310 32.43 13.03 9.07
C ARG B 310 33.70 13.77 9.41
N GLY B 311 33.62 15.08 9.51
CA GLY B 311 34.81 15.85 9.73
C GLY B 311 34.87 16.34 11.15
N PHE B 312 33.80 16.11 11.90
CA PHE B 312 33.76 16.60 13.24
C PHE B 312 33.94 15.44 14.14
N GLU B 313 33.51 14.27 13.69
CA GLU B 313 33.57 13.12 14.55
C GLU B 313 34.94 12.51 14.52
N GLY B 314 35.73 12.92 13.55
CA GLY B 314 37.07 12.40 13.47
C GLY B 314 37.98 13.33 14.21
N ARG B 315 37.66 14.61 14.17
CA ARG B 315 38.56 15.58 14.78
C ARG B 315 38.34 15.76 16.27
N ALA B 316 37.18 15.35 16.80
CA ALA B 316 37.01 15.37 18.25
C ALA B 316 36.78 14.00 18.88
N ASN B 317 36.79 12.91 18.10
CA ASN B 317 36.64 11.54 18.62
C ASN B 317 35.38 11.39 19.48
N VAL B 318 34.24 11.70 18.87
CA VAL B 318 32.93 11.32 19.36
C VAL B 318 32.21 10.57 18.23
N ASP B 319 31.09 9.97 18.55
CA ASP B 319 30.33 9.17 17.58
C ASP B 319 29.04 9.89 17.23
N ILE B 320 28.93 10.32 15.97
CA ILE B 320 27.73 10.96 15.45
C ILE B 320 26.86 9.98 14.68
N CYS B 321 27.45 9.27 13.71
CA CYS B 321 26.68 8.36 12.88
C CYS B 321 25.99 7.28 13.70
N GLY B 322 26.60 6.88 14.82
CA GLY B 322 26.05 5.84 15.67
C GLY B 322 24.65 6.15 16.15
N PRO B 323 24.52 7.21 16.95
CA PRO B 323 23.18 7.58 17.45
C PRO B 323 22.17 7.84 16.35
N LEU B 324 22.61 8.36 15.20
CA LEU B 324 21.70 8.56 14.08
C LEU B 324 21.13 7.22 13.60
N CYS B 325 22.00 6.24 13.37
CA CYS B 325 21.54 4.93 12.94
C CYS B 325 20.64 4.30 14.01
N ASP B 326 20.98 4.52 15.28
CA ASP B 326 20.14 4.03 16.36
C ASP B 326 18.73 4.59 16.25
N ALA B 327 18.60 5.89 15.95
CA ALA B 327 17.26 6.48 15.81
C ALA B 327 16.53 5.92 14.60
N LEU B 328 17.22 5.83 13.45
CA LEU B 328 16.59 5.27 12.25
C LEU B 328 16.04 3.88 12.51
N ILE B 329 16.82 3.03 13.19
CA ILE B 329 16.36 1.68 13.50
C ILE B 329 15.23 1.73 14.53
N ALA B 330 15.34 2.61 15.53
CA ALA B 330 14.33 2.68 16.58
C ALA B 330 12.95 2.98 16.00
N GLN B 331 12.89 3.75 14.91
CA GLN B 331 11.58 4.03 14.32
C GLN B 331 10.87 2.80 13.79
N THR B 332 11.63 1.76 13.46
CA THR B 332 11.04 0.57 12.84
C THR B 332 10.29 -0.24 13.83
N LYS B 333 10.63 -0.08 15.07
CA LYS B 333 9.90 -0.77 16.09
C LYS B 333 8.51 -0.20 16.04
N ARG B 334 8.43 1.13 15.89
CA ARG B 334 7.13 1.82 15.92
C ARG B 334 7.28 3.25 15.44
N LEU C 24 1.41 -52.65 13.17
CA LEU C 24 1.86 -52.26 11.85
C LEU C 24 2.81 -51.10 12.02
N ASP C 25 3.71 -50.93 11.08
CA ASP C 25 4.64 -49.83 11.17
C ASP C 25 4.00 -48.61 10.61
N THR C 26 3.84 -47.60 11.43
CA THR C 26 3.27 -46.35 10.97
C THR C 26 4.27 -45.27 11.26
N SER C 27 5.48 -45.45 10.79
CA SER C 27 6.46 -44.42 10.97
C SER C 27 6.33 -43.58 9.77
N ILE C 28 6.22 -44.22 8.62
CA ILE C 28 6.03 -43.47 7.38
C ILE C 28 4.66 -43.84 6.81
N VAL C 29 3.87 -42.82 6.49
CA VAL C 29 2.52 -43.00 6.00
C VAL C 29 2.39 -42.39 4.61
N VAL C 30 1.74 -43.12 3.72
CA VAL C 30 1.47 -42.69 2.34
C VAL C 30 -0.03 -42.52 2.21
N VAL C 31 -0.49 -41.29 1.99
CA VAL C 31 -1.91 -41.01 1.88
C VAL C 31 -2.31 -41.05 0.40
N GLY C 32 -3.03 -42.09 0.03
CA GLY C 32 -3.48 -42.26 -1.34
C GLY C 32 -3.86 -43.70 -1.60
N SER C 33 -4.51 -43.91 -2.74
CA SER C 33 -4.96 -45.25 -3.08
C SER C 33 -3.78 -46.09 -3.59
N PRO C 34 -3.69 -47.36 -3.18
CA PRO C 34 -2.61 -48.21 -3.67
C PRO C 34 -2.64 -48.42 -5.17
N ASP C 35 -3.69 -48.03 -5.85
CA ASP C 35 -3.74 -48.25 -7.26
C ASP C 35 -3.07 -47.11 -8.00
N ASP C 36 -2.83 -46.00 -7.31
CA ASP C 36 -2.15 -44.86 -7.91
C ASP C 36 -0.69 -45.22 -8.18
N LEU C 37 -0.26 -45.04 -9.43
CA LEU C 37 1.09 -45.45 -9.82
C LEU C 37 2.14 -44.81 -8.92
N HIS C 38 1.92 -43.60 -8.44
CA HIS C 38 2.94 -42.95 -7.62
C HIS C 38 2.94 -43.46 -6.18
N VAL C 39 1.77 -43.80 -5.64
CA VAL C 39 1.74 -44.48 -4.35
C VAL C 39 2.53 -45.78 -4.43
N GLN C 40 2.30 -46.55 -5.49
CA GLN C 40 3.07 -47.77 -5.73
C GLN C 40 4.56 -47.47 -5.78
N SER C 41 4.95 -46.51 -6.61
CA SER C 41 6.35 -46.16 -6.78
C SER C 41 7.01 -45.85 -5.44
N VAL C 42 6.33 -45.04 -4.62
CA VAL C 42 6.94 -44.58 -3.39
C VAL C 42 6.98 -45.70 -2.35
N THR C 43 5.91 -46.49 -2.24
CA THR C 43 5.95 -47.60 -1.28
C THR C 43 7.03 -48.60 -1.65
N GLU C 44 7.28 -48.83 -2.93
CA GLU C 44 8.34 -49.75 -3.27
C GLU C 44 9.67 -49.14 -2.95
N GLY C 45 9.90 -47.94 -3.45
CA GLY C 45 11.12 -47.23 -3.10
C GLY C 45 11.44 -47.26 -1.62
N LEU C 46 10.41 -47.22 -0.77
CA LEU C 46 10.63 -47.29 0.67
C LEU C 46 10.97 -48.71 1.13
N ARG C 47 10.20 -49.70 0.66
CA ARG C 47 10.56 -51.08 0.94
C ARG C 47 12.05 -51.32 0.63
N ALA C 48 12.47 -50.96 -0.59
CA ALA C 48 13.87 -51.11 -1.00
C ALA C 48 14.83 -50.43 -0.03
N ARG C 49 14.42 -49.42 0.69
CA ARG C 49 15.37 -48.86 1.64
C ARG C 49 15.24 -49.49 2.99
N GLY C 50 14.27 -50.39 3.18
CA GLY C 50 14.14 -51.11 4.43
C GLY C 50 12.91 -50.76 5.25
N HIS C 51 12.05 -49.87 4.76
CA HIS C 51 10.88 -49.41 5.50
C HIS C 51 9.60 -49.81 4.79
N GLU C 52 8.65 -50.32 5.58
CA GLU C 52 7.33 -50.69 5.08
C GLU C 52 6.33 -49.60 5.46
N PRO C 53 5.90 -48.75 4.53
CA PRO C 53 5.00 -47.65 4.90
C PRO C 53 3.58 -48.13 5.09
N TYR C 54 2.85 -47.39 5.92
CA TYR C 54 1.41 -47.62 6.08
C TYR C 54 0.68 -46.83 5.02
N VAL C 55 -0.10 -47.53 4.20
CA VAL C 55 -0.87 -46.88 3.14
C VAL C 55 -2.24 -46.52 3.68
N PHE C 56 -2.52 -45.21 3.73
CA PHE C 56 -3.75 -44.67 4.30
C PHE C 56 -4.66 -44.24 3.15
N ASP C 57 -5.54 -45.16 2.74
CA ASP C 57 -6.43 -44.93 1.61
C ASP C 57 -7.75 -44.38 2.14
N THR C 58 -7.96 -43.07 1.95
CA THR C 58 -9.19 -42.46 2.44
C THR C 58 -10.40 -42.93 1.66
N GLN C 59 -10.21 -43.33 0.40
CA GLN C 59 -11.33 -43.69 -0.46
C GLN C 59 -12.13 -44.85 0.12
N ARG C 60 -11.48 -45.71 0.90
CA ARG C 60 -12.16 -46.85 1.53
C ARG C 60 -12.70 -46.51 2.91
N PHE C 61 -13.01 -45.23 3.17
CA PHE C 61 -13.34 -44.83 4.55
C PHE C 61 -14.69 -45.36 5.01
N PRO C 62 -15.81 -44.99 4.39
CA PRO C 62 -17.12 -45.28 4.99
C PRO C 62 -17.31 -46.76 5.34
N GLU C 63 -17.23 -47.65 4.34
CA GLU C 63 -17.65 -49.03 4.48
C GLU C 63 -16.50 -50.03 4.47
N GLU C 64 -15.26 -49.54 4.56
CA GLU C 64 -14.12 -50.49 4.50
C GLU C 64 -12.98 -50.05 5.44
N MET C 65 -13.19 -49.09 6.32
CA MET C 65 -12.17 -48.62 7.24
C MET C 65 -12.86 -47.90 8.39
N THR C 66 -12.37 -48.14 9.61
CA THR C 66 -12.94 -47.54 10.81
C THR C 66 -11.97 -46.53 11.38
N VAL C 67 -12.42 -45.27 11.50
CA VAL C 67 -11.62 -44.19 12.06
C VAL C 67 -12.34 -43.66 13.30
N SER C 68 -11.57 -43.49 14.38
CA SER C 68 -12.11 -43.00 15.64
C SER C 68 -11.18 -41.93 16.20
N LEU C 69 -11.72 -40.76 16.48
CA LEU C 69 -10.96 -39.64 17.01
C LEU C 69 -11.51 -39.24 18.36
N GLY C 70 -10.63 -39.04 19.34
CA GLY C 70 -11.00 -38.51 20.63
C GLY C 70 -10.75 -37.02 20.72
N GLU C 71 -10.78 -36.51 21.96
CA GLU C 71 -10.60 -35.09 22.17
C GLU C 71 -9.13 -34.68 22.20
N GLN C 72 -8.23 -35.58 22.58
CA GLN C 72 -6.81 -35.29 22.49
C GLN C 72 -6.29 -35.56 21.08
N GLY C 73 -5.33 -34.74 20.65
CA GLY C 73 -4.80 -34.91 19.31
C GLY C 73 -4.28 -36.32 19.05
N ALA C 74 -3.69 -36.95 20.07
CA ALA C 74 -3.10 -38.26 19.89
C ALA C 74 -4.13 -39.37 19.77
N SER C 75 -5.41 -39.10 20.03
CA SER C 75 -6.43 -40.15 20.09
C SER C 75 -7.00 -40.41 18.69
N ILE C 76 -6.16 -41.02 17.85
CA ILE C 76 -6.52 -41.38 16.48
C ILE C 76 -6.41 -42.89 16.34
N PHE C 77 -7.47 -43.50 15.83
CA PHE C 77 -7.51 -44.94 15.69
C PHE C 77 -8.02 -45.37 14.33
N VAL C 78 -7.16 -45.83 13.44
CA VAL C 78 -7.54 -46.29 12.11
C VAL C 78 -7.58 -47.81 12.12
N ASP C 79 -8.76 -48.37 11.87
CA ASP C 79 -8.99 -49.81 11.89
C ASP C 79 -8.55 -50.43 13.23
N GLY C 80 -8.85 -49.74 14.32
CA GLY C 80 -8.52 -50.23 15.64
C GLY C 80 -7.11 -49.96 16.10
N GLN C 81 -6.23 -49.52 15.21
CA GLN C 81 -4.83 -49.25 15.54
C GLN C 81 -4.62 -47.76 15.74
N GLN C 82 -3.88 -47.41 16.79
CA GLN C 82 -3.60 -46.03 17.10
C GLN C 82 -2.45 -45.53 16.25
N ILE C 83 -2.67 -44.37 15.60
CA ILE C 83 -1.61 -43.70 14.84
C ILE C 83 -1.57 -42.25 15.29
N ALA C 84 -1.01 -42.01 16.48
CA ALA C 84 -1.04 -40.68 17.06
C ALA C 84 -0.17 -39.71 16.28
N ARG C 85 1.02 -40.14 15.87
CA ARG C 85 1.94 -39.23 15.20
C ARG C 85 2.95 -40.00 14.36
N PRO C 86 2.76 -40.06 13.05
CA PRO C 86 3.80 -40.61 12.18
C PRO C 86 4.97 -39.66 12.08
N ALA C 87 6.12 -40.23 11.68
CA ALA C 87 7.31 -39.41 11.50
C ALA C 87 7.18 -38.54 10.27
N ALA C 88 6.67 -39.09 9.18
CA ALA C 88 6.53 -38.36 7.92
C ALA C 88 5.34 -38.90 7.15
N VAL C 89 4.68 -38.02 6.41
CA VAL C 89 3.57 -38.38 5.55
C VAL C 89 3.89 -37.92 4.14
N TYR C 90 3.72 -38.82 3.18
CA TYR C 90 3.70 -38.46 1.76
C TYR C 90 2.24 -38.45 1.32
N LEU C 91 1.73 -37.26 0.98
CA LEU C 91 0.31 -37.07 0.69
C LEU C 91 0.14 -36.98 -0.83
N ARG C 92 -0.18 -38.11 -1.45
CA ARG C 92 -0.53 -38.08 -2.86
C ARG C 92 -1.87 -37.39 -3.07
N SER C 93 -2.91 -37.84 -2.36
CA SER C 93 -4.23 -37.25 -2.50
C SER C 93 -5.11 -37.74 -1.37
N LEU C 94 -5.96 -36.84 -0.88
CA LEU C 94 -7.03 -37.22 0.04
C LEU C 94 -8.32 -37.55 -0.67
N TYR C 95 -8.44 -37.20 -1.95
CA TYR C 95 -9.63 -37.52 -2.74
C TYR C 95 -10.87 -36.87 -2.13
N GLN C 96 -10.84 -35.55 -2.08
CA GLN C 96 -11.88 -34.81 -1.37
C GLN C 96 -13.10 -34.48 -2.23
N SER C 97 -12.92 -34.26 -3.54
CA SER C 97 -14.08 -34.04 -4.39
C SER C 97 -14.30 -35.23 -5.31
N PRO C 98 -15.55 -35.50 -5.71
CA PRO C 98 -15.79 -36.59 -6.65
C PRO C 98 -15.09 -36.41 -7.98
N GLY C 99 -14.78 -35.17 -8.36
CA GLY C 99 -14.04 -34.88 -9.56
C GLY C 99 -12.54 -34.97 -9.44
N ALA C 100 -12.03 -35.48 -8.30
CA ALA C 100 -10.61 -35.63 -8.11
C ALA C 100 -10.02 -36.64 -9.09
N TYR C 101 -8.69 -36.67 -9.13
CA TYR C 101 -8.01 -37.43 -10.18
C TYR C 101 -8.19 -38.93 -10.01
N GLY C 102 -8.00 -39.43 -8.79
CA GLY C 102 -8.04 -40.85 -8.58
C GLY C 102 -9.36 -41.40 -8.06
N VAL C 103 -10.47 -40.76 -8.41
CA VAL C 103 -11.79 -41.09 -7.86
C VAL C 103 -12.73 -41.45 -9.00
N ASP C 104 -13.43 -42.58 -8.85
CA ASP C 104 -14.52 -42.98 -9.74
C ASP C 104 -15.82 -42.82 -8.96
N ALA C 105 -16.47 -41.67 -9.13
CA ALA C 105 -17.73 -41.37 -8.45
C ALA C 105 -18.80 -40.94 -9.44
N ASP C 106 -18.76 -41.49 -10.65
CA ASP C 106 -19.64 -41.00 -11.71
C ASP C 106 -21.08 -41.47 -11.52
N LYS C 107 -21.28 -42.77 -11.28
CA LYS C 107 -22.64 -43.26 -11.04
C LYS C 107 -23.22 -42.62 -9.78
N ALA C 108 -22.40 -42.46 -8.74
CA ALA C 108 -22.86 -41.84 -7.50
C ALA C 108 -23.35 -40.43 -7.75
N MET C 109 -22.69 -39.71 -8.65
CA MET C 109 -23.04 -38.32 -8.93
C MET C 109 -24.25 -38.23 -9.86
N GLN C 110 -24.34 -39.12 -10.81
CA GLN C 110 -25.47 -39.11 -11.73
C GLN C 110 -26.75 -39.51 -11.03
N ASP C 111 -26.66 -40.40 -10.05
CA ASP C 111 -27.85 -40.83 -9.32
C ASP C 111 -28.34 -39.73 -8.39
N ASN C 112 -27.53 -39.36 -7.41
CA ASN C 112 -27.89 -38.30 -6.47
C ASN C 112 -26.62 -37.51 -6.17
N TRP C 113 -26.55 -36.28 -6.69
CA TRP C 113 -25.29 -35.54 -6.56
C TRP C 113 -25.17 -34.83 -5.23
N ARG C 114 -26.28 -34.45 -4.59
CA ARG C 114 -26.18 -33.80 -3.28
C ARG C 114 -25.76 -34.80 -2.21
N ARG C 115 -26.37 -35.99 -2.20
CA ARG C 115 -25.95 -37.03 -1.25
C ARG C 115 -24.46 -37.32 -1.40
N THR C 116 -23.98 -37.45 -2.64
CA THR C 116 -22.59 -37.76 -2.87
C THR C 116 -21.67 -36.61 -2.45
N LEU C 117 -22.04 -35.38 -2.76
CA LEU C 117 -21.24 -34.24 -2.33
C LEU C 117 -21.17 -34.17 -0.80
N LEU C 118 -22.29 -34.44 -0.13
CA LEU C 118 -22.29 -34.41 1.33
C LEU C 118 -21.43 -35.53 1.91
N ALA C 119 -21.52 -36.73 1.34
CA ALA C 119 -20.68 -37.84 1.79
C ALA C 119 -19.20 -37.48 1.64
N PHE C 120 -18.83 -36.95 0.47
CA PHE C 120 -17.45 -36.56 0.24
C PHE C 120 -16.99 -35.49 1.22
N ARG C 121 -17.87 -34.56 1.55
CA ARG C 121 -17.52 -33.50 2.49
C ARG C 121 -17.31 -34.02 3.90
N GLU C 122 -18.11 -34.98 4.30
CA GLU C 122 -17.95 -35.57 5.63
C GLU C 122 -16.64 -36.34 5.71
N ARG C 123 -16.42 -37.23 4.75
CA ARG C 123 -15.16 -37.93 4.70
C ARG C 123 -13.98 -36.95 4.73
N SER C 124 -14.07 -35.85 3.97
CA SER C 124 -12.98 -34.89 3.91
C SER C 124 -12.76 -34.22 5.25
N THR C 125 -13.85 -33.86 5.93
CA THR C 125 -13.71 -33.31 7.27
C THR C 125 -12.88 -34.25 8.15
N LEU C 126 -13.27 -35.53 8.17
CA LEU C 126 -12.59 -36.46 9.09
C LEU C 126 -11.13 -36.68 8.69
N MET C 127 -10.90 -36.92 7.41
CA MET C 127 -9.52 -37.18 6.95
C MET C 127 -8.61 -35.96 7.17
N SER C 128 -9.12 -34.79 6.86
CA SER C 128 -8.34 -33.56 7.08
C SER C 128 -8.06 -33.36 8.56
N ALA C 129 -9.01 -33.69 9.42
CA ALA C 129 -8.74 -33.63 10.85
C ALA C 129 -7.58 -34.56 11.21
N VAL C 130 -7.58 -35.77 10.66
CA VAL C 130 -6.46 -36.68 10.95
C VAL C 130 -5.14 -36.04 10.52
N LEU C 131 -5.08 -35.56 9.28
CA LEU C 131 -3.83 -35.00 8.77
C LEU C 131 -3.39 -33.81 9.60
N LEU C 132 -4.33 -32.97 10.02
CA LEU C 132 -3.97 -31.76 10.76
C LEU C 132 -3.54 -32.10 12.18
N ARG C 133 -4.18 -33.10 12.79
CA ARG C 133 -3.71 -33.59 14.07
C ARG C 133 -2.27 -34.07 13.98
N TRP C 134 -1.96 -34.82 12.92
CA TRP C 134 -0.58 -35.28 12.74
C TRP C 134 0.37 -34.09 12.60
N GLU C 135 0.04 -33.13 11.73
CA GLU C 135 0.95 -32.01 11.51
C GLU C 135 1.15 -31.19 12.78
N GLU C 136 0.09 -31.03 13.57
CA GLU C 136 0.21 -30.34 14.84
C GLU C 136 1.08 -31.14 15.80
N ALA C 137 0.94 -32.47 15.78
CA ALA C 137 1.79 -33.34 16.58
C ALA C 137 3.25 -33.30 16.15
N GLY C 138 3.56 -32.65 15.03
CA GLY C 138 4.92 -32.53 14.54
C GLY C 138 5.24 -33.36 13.32
N THR C 139 4.30 -34.15 12.80
CA THR C 139 4.59 -34.97 11.63
C THR C 139 5.03 -34.10 10.47
N ALA C 140 6.06 -34.56 9.75
CA ALA C 140 6.58 -33.85 8.58
C ALA C 140 5.75 -34.27 7.38
N VAL C 141 4.66 -33.54 7.14
CA VAL C 141 3.77 -33.83 6.03
C VAL C 141 4.38 -33.26 4.76
N TYR C 142 4.72 -34.13 3.82
CA TYR C 142 5.33 -33.66 2.58
C TYR C 142 4.13 -33.19 1.77
N ASN C 143 3.99 -31.85 1.75
CA ASN C 143 2.85 -31.17 1.12
C ASN C 143 1.62 -31.18 2.04
N SER C 144 1.63 -30.30 3.04
CA SER C 144 0.52 -30.28 3.97
C SER C 144 -0.72 -29.69 3.30
N PRO C 145 -1.92 -30.10 3.73
CA PRO C 145 -3.14 -29.49 3.18
C PRO C 145 -3.20 -27.98 3.36
N ARG C 146 -2.60 -27.44 4.42
CA ARG C 146 -2.69 -26.02 4.70
C ARG C 146 -2.13 -25.16 3.58
N ALA C 147 -1.28 -25.72 2.71
CA ALA C 147 -0.73 -24.97 1.60
C ALA C 147 -1.78 -24.70 0.51
N SER C 148 -2.92 -25.38 0.54
CA SER C 148 -3.94 -25.17 -0.47
C SER C 148 -4.28 -23.68 -0.61
N ALA C 149 -4.39 -22.98 0.52
CA ALA C 149 -4.68 -21.55 0.47
C ALA C 149 -3.67 -20.81 -0.39
N ASN C 150 -2.37 -21.04 -0.15
CA ASN C 150 -1.36 -20.39 -0.96
C ASN C 150 -1.37 -20.90 -2.39
N ILE C 151 -1.83 -22.14 -2.60
CA ILE C 151 -1.77 -22.71 -3.94
C ILE C 151 -2.78 -22.06 -4.88
N THR C 152 -3.80 -21.39 -4.32
CA THR C 152 -4.76 -20.61 -5.10
C THR C 152 -3.91 -19.88 -6.13
N LYS C 153 -4.10 -20.21 -7.39
CA LYS C 153 -3.21 -19.68 -8.39
C LYS C 153 -3.17 -18.18 -8.54
N PRO C 154 -4.33 -17.51 -8.68
CA PRO C 154 -4.29 -16.05 -8.79
C PRO C 154 -3.73 -15.36 -7.55
N PHE C 155 -3.55 -16.08 -6.45
CA PHE C 155 -2.84 -15.56 -5.29
C PHE C 155 -1.39 -16.04 -5.23
N GLN C 156 -1.15 -17.28 -5.64
CA GLN C 156 0.21 -17.81 -5.66
C GLN C 156 1.11 -16.96 -6.55
N LEU C 157 0.63 -16.65 -7.76
CA LEU C 157 1.46 -15.86 -8.68
C LEU C 157 1.75 -14.48 -8.13
N ALA C 158 0.78 -13.87 -7.45
CA ALA C 158 1.00 -12.55 -6.86
C ALA C 158 1.94 -12.64 -5.67
N LEU C 159 1.86 -13.72 -4.90
CA LEU C 159 2.81 -13.93 -3.82
C LEU C 159 4.23 -14.03 -4.34
N LEU C 160 4.41 -14.68 -5.49
CA LEU C 160 5.75 -14.80 -6.05
C LEU C 160 6.21 -13.46 -6.63
N ARG C 161 5.35 -12.79 -7.40
CA ARG C 161 5.73 -11.54 -8.04
C ARG C 161 6.03 -10.45 -7.01
N ASP C 162 5.18 -10.32 -5.99
CA ASP C 162 5.43 -9.36 -4.91
C ASP C 162 6.65 -9.73 -4.09
N ALA C 163 7.15 -10.96 -4.21
CA ALA C 163 8.39 -11.38 -3.58
C ALA C 163 9.59 -11.17 -4.48
N GLY C 164 9.40 -10.66 -5.69
CA GLY C 164 10.50 -10.36 -6.59
C GLY C 164 10.82 -11.43 -7.61
N LEU C 165 10.11 -12.55 -7.59
CA LEU C 165 10.34 -13.62 -8.53
C LEU C 165 9.64 -13.33 -9.86
N PRO C 166 10.23 -13.73 -10.99
CA PRO C 166 9.66 -13.41 -12.29
C PRO C 166 8.47 -14.31 -12.61
N VAL C 167 7.36 -13.70 -13.00
CA VAL C 167 6.17 -14.42 -13.42
C VAL C 167 5.69 -13.82 -14.74
N PRO C 168 4.74 -14.44 -15.43
CA PRO C 168 4.26 -13.88 -16.69
C PRO C 168 3.31 -12.72 -16.47
N ARG C 169 3.25 -11.85 -17.47
CA ARG C 169 2.24 -10.80 -17.47
C ARG C 169 0.87 -11.43 -17.57
N SER C 170 0.04 -11.23 -16.54
CA SER C 170 -1.19 -12.00 -16.37
C SER C 170 -2.41 -11.11 -16.21
N LEU C 171 -3.56 -11.69 -16.51
CA LEU C 171 -4.88 -11.07 -16.29
C LEU C 171 -5.87 -12.21 -16.08
N TRP C 172 -6.24 -12.45 -14.82
CA TRP C 172 -7.38 -13.30 -14.49
C TRP C 172 -8.61 -12.43 -14.55
N THR C 173 -9.59 -12.79 -15.38
CA THR C 173 -10.71 -11.88 -15.52
C THR C 173 -11.93 -12.58 -16.10
N ASN C 174 -13.07 -11.88 -15.99
CA ASN C 174 -14.30 -12.16 -16.71
C ASN C 174 -14.75 -10.95 -17.54
N ASP C 175 -13.85 -9.99 -17.74
CA ASP C 175 -14.19 -8.75 -18.43
C ASP C 175 -13.62 -8.76 -19.84
N PRO C 176 -14.45 -8.97 -20.86
CA PRO C 176 -13.92 -9.07 -22.23
C PRO C 176 -13.18 -7.83 -22.69
N GLU C 177 -13.56 -6.64 -22.20
CA GLU C 177 -12.86 -5.43 -22.60
C GLU C 177 -11.46 -5.38 -21.99
N ALA C 178 -11.34 -5.79 -20.73
CA ALA C 178 -10.02 -5.98 -20.14
C ALA C 178 -9.17 -6.89 -21.00
N VAL C 179 -9.77 -7.98 -21.49
CA VAL C 179 -9.02 -8.94 -22.30
C VAL C 179 -8.58 -8.31 -23.60
N ARG C 180 -9.41 -7.48 -24.20
CA ARG C 180 -9.02 -6.91 -25.47
C ARG C 180 -7.91 -5.91 -25.25
N ARG C 181 -8.01 -5.10 -24.21
CA ARG C 181 -6.91 -4.18 -23.91
C ARG C 181 -5.61 -4.92 -23.63
N PHE C 182 -5.68 -5.96 -22.79
CA PHE C 182 -4.49 -6.74 -22.44
C PHE C 182 -3.85 -7.34 -23.68
N HIS C 183 -4.66 -7.96 -24.54
CA HIS C 183 -4.14 -8.57 -25.76
C HIS C 183 -3.53 -7.51 -26.67
N ALA C 184 -4.19 -6.35 -26.78
CA ALA C 184 -3.67 -5.29 -27.64
C ALA C 184 -2.31 -4.82 -27.15
N GLU C 185 -2.07 -4.83 -25.86
CA GLU C 185 -0.80 -4.29 -25.42
C GLU C 185 0.26 -5.31 -25.32
N VAL C 186 -0.13 -6.56 -25.07
CA VAL C 186 0.86 -7.62 -24.83
C VAL C 186 1.29 -8.28 -26.13
N GLY C 187 0.34 -8.61 -27.00
CA GLY C 187 0.65 -9.36 -28.20
C GLY C 187 0.09 -10.76 -28.14
N ASP C 188 0.81 -11.74 -28.67
CA ASP C 188 0.35 -13.12 -28.60
C ASP C 188 0.12 -13.52 -27.15
N CYS C 189 -1.02 -14.14 -26.88
CA CYS C 189 -1.43 -14.52 -25.54
C CYS C 189 -1.87 -15.98 -25.50
N ILE C 190 -1.90 -16.51 -24.28
CA ILE C 190 -2.48 -17.82 -24.00
C ILE C 190 -3.60 -17.62 -22.98
N TYR C 191 -4.54 -18.56 -22.97
CA TYR C 191 -5.54 -18.61 -21.92
C TYR C 191 -5.58 -20.01 -21.32
N LYS C 192 -5.84 -20.07 -20.03
CA LYS C 192 -5.93 -21.33 -19.31
C LYS C 192 -6.90 -21.17 -18.15
N PRO C 193 -7.30 -22.27 -17.52
CA PRO C 193 -8.23 -22.18 -16.40
C PRO C 193 -7.62 -21.45 -15.21
N VAL C 194 -8.49 -20.79 -14.44
CA VAL C 194 -8.03 -20.10 -13.24
C VAL C 194 -7.38 -21.07 -12.28
N ALA C 195 -8.13 -22.11 -11.88
CA ALA C 195 -7.66 -23.11 -10.93
C ALA C 195 -6.99 -24.30 -11.61
N GLY C 196 -7.43 -24.66 -12.81
CA GLY C 196 -6.86 -25.78 -13.55
C GLY C 196 -7.94 -26.69 -14.12
N GLY C 197 -7.48 -27.63 -14.93
CA GLY C 197 -8.34 -28.64 -15.52
C GLY C 197 -8.50 -28.61 -17.03
N ALA C 198 -7.58 -28.00 -17.77
CA ALA C 198 -7.74 -27.92 -19.22
C ALA C 198 -6.42 -27.52 -19.86
N ARG C 199 -6.32 -27.81 -21.15
CA ARG C 199 -5.15 -27.42 -21.93
C ARG C 199 -5.07 -25.91 -22.08
N THR C 200 -3.87 -25.37 -21.95
CA THR C 200 -3.64 -23.97 -22.25
C THR C 200 -3.44 -23.80 -23.74
N ARG C 201 -4.23 -22.90 -24.34
CA ARG C 201 -4.24 -22.72 -25.78
C ARG C 201 -3.82 -21.30 -26.14
N LYS C 202 -3.44 -21.12 -27.40
CA LYS C 202 -3.13 -19.79 -27.90
C LYS C 202 -4.42 -19.00 -28.08
N LEU C 203 -4.35 -17.71 -27.78
CA LEU C 203 -5.51 -16.83 -27.92
C LEU C 203 -5.64 -16.46 -29.39
N GLU C 204 -6.38 -17.28 -30.12
CA GLU C 204 -6.62 -17.01 -31.53
C GLU C 204 -7.55 -15.82 -31.70
N ALA C 205 -7.64 -15.34 -32.95
CA ALA C 205 -8.50 -14.19 -33.24
C ALA C 205 -9.97 -14.53 -33.06
N LYS C 206 -10.38 -15.75 -33.45
CA LYS C 206 -11.74 -16.20 -33.20
C LYS C 206 -12.14 -16.02 -31.75
N ASP C 207 -11.19 -16.20 -30.83
CA ASP C 207 -11.47 -16.10 -29.40
C ASP C 207 -11.78 -14.67 -28.96
N LEU C 208 -11.47 -13.67 -29.78
CA LEU C 208 -11.76 -12.28 -29.45
C LEU C 208 -13.05 -11.78 -30.07
N GLU C 209 -13.63 -12.52 -31.01
CA GLU C 209 -14.96 -12.19 -31.52
C GLU C 209 -15.94 -12.17 -30.35
N ALA C 210 -16.85 -11.22 -30.34
CA ALA C 210 -17.82 -11.11 -29.27
C ALA C 210 -18.43 -12.41 -28.91
N ASP C 211 -18.93 -13.13 -29.90
CA ASP C 211 -19.64 -14.39 -29.61
C ASP C 211 -18.91 -15.28 -28.65
N ARG C 212 -17.59 -15.35 -28.80
CA ARG C 212 -16.80 -16.20 -27.95
C ARG C 212 -16.31 -15.47 -26.72
N ILE C 213 -16.05 -14.18 -26.81
CA ILE C 213 -15.43 -13.52 -25.67
C ILE C 213 -16.47 -13.16 -24.62
N GLU C 214 -17.75 -13.17 -24.97
CA GLU C 214 -18.75 -12.77 -24.01
C GLU C 214 -19.03 -13.88 -23.04
N ARG C 215 -18.51 -15.06 -23.32
CA ARG C 215 -18.77 -16.19 -22.43
C ARG C 215 -17.98 -16.13 -21.14
N LEU C 216 -17.12 -15.13 -20.94
CA LEU C 216 -16.45 -14.96 -19.66
C LEU C 216 -17.44 -14.67 -18.54
N SER C 217 -18.67 -14.29 -18.89
CA SER C 217 -19.72 -14.07 -17.90
C SER C 217 -20.23 -15.35 -17.26
N ALA C 218 -19.68 -16.49 -17.64
CA ALA C 218 -20.01 -17.76 -16.99
C ALA C 218 -18.96 -18.21 -15.99
N ALA C 219 -17.71 -17.81 -16.22
CA ALA C 219 -16.60 -18.10 -15.33
C ALA C 219 -15.38 -17.36 -15.83
N PRO C 220 -14.53 -16.84 -14.95
CA PRO C 220 -13.33 -16.16 -15.41
C PRO C 220 -12.33 -17.14 -15.99
N VAL C 221 -11.32 -16.60 -16.68
CA VAL C 221 -10.20 -17.39 -17.15
C VAL C 221 -8.92 -16.55 -17.04
N CYS C 222 -7.78 -17.21 -17.21
CA CYS C 222 -6.47 -16.60 -17.04
C CYS C 222 -5.86 -16.37 -18.43
N PHE C 223 -5.51 -15.13 -18.71
CA PHE C 223 -4.80 -14.76 -19.93
C PHE C 223 -3.38 -14.35 -19.55
N GLN C 224 -2.41 -14.85 -20.29
CA GLN C 224 -1.01 -14.53 -20.04
C GLN C 224 -0.32 -14.25 -21.35
N GLU C 225 0.86 -13.64 -21.25
CA GLU C 225 1.70 -13.45 -22.42
C GLU C 225 2.21 -14.79 -22.92
N LEU C 226 2.18 -14.97 -24.24
CA LEU C 226 2.68 -16.20 -24.85
C LEU C 226 4.20 -16.20 -24.75
N LEU C 227 4.72 -17.00 -23.82
CA LEU C 227 6.17 -17.17 -23.70
C LEU C 227 6.65 -18.17 -24.75
N THR C 228 7.65 -17.76 -25.54
CA THR C 228 8.09 -18.56 -26.68
C THR C 228 9.15 -19.60 -26.33
N GLY C 229 9.80 -19.48 -25.18
CA GLY C 229 10.85 -20.39 -24.80
C GLY C 229 10.43 -21.82 -24.50
N ASP C 230 11.29 -22.56 -23.83
CA ASP C 230 11.11 -23.98 -23.53
C ASP C 230 10.65 -24.16 -22.09
N ASP C 231 9.90 -25.22 -21.86
CA ASP C 231 9.43 -25.49 -20.54
C ASP C 231 10.49 -26.14 -19.77
N VAL C 232 10.53 -25.85 -18.48
CA VAL C 232 11.49 -26.51 -17.61
C VAL C 232 10.75 -26.91 -16.34
N ARG C 233 10.72 -28.21 -16.08
CA ARG C 233 10.15 -28.76 -14.85
C ARG C 233 11.26 -28.93 -13.84
N VAL C 234 11.16 -28.23 -12.72
CA VAL C 234 12.14 -28.31 -11.64
C VAL C 234 11.49 -29.04 -10.48
N TYR C 235 12.30 -29.82 -9.76
CA TYR C 235 11.87 -30.52 -8.56
C TYR C 235 12.65 -30.01 -7.37
N VAL C 236 11.93 -29.59 -6.33
CA VAL C 236 12.52 -29.08 -5.12
C VAL C 236 12.07 -29.96 -3.96
N ILE C 237 13.03 -30.45 -3.19
CA ILE C 237 12.75 -31.19 -1.97
C ILE C 237 13.57 -30.58 -0.85
N ASP C 238 12.90 -30.16 0.22
CA ASP C 238 13.52 -29.61 1.42
C ASP C 238 14.61 -28.59 1.08
N ASP C 239 14.23 -27.58 0.30
CA ASP C 239 15.10 -26.47 -0.02
C ASP C 239 16.31 -26.88 -0.86
N GLN C 240 16.20 -28.00 -1.58
CA GLN C 240 17.27 -28.44 -2.47
C GLN C 240 16.69 -28.77 -3.83
N VAL C 241 17.38 -28.36 -4.89
CA VAL C 241 16.93 -28.65 -6.25
C VAL C 241 17.46 -30.02 -6.66
N ILE C 242 16.55 -30.97 -6.85
CA ILE C 242 16.94 -32.31 -7.26
C ILE C 242 17.43 -32.31 -8.70
N CYS C 243 16.59 -31.84 -9.62
CA CYS C 243 16.93 -31.81 -11.03
C CYS C 243 16.11 -30.73 -11.72
N ALA C 244 16.53 -30.39 -12.95
CA ALA C 244 15.78 -29.51 -13.82
C ALA C 244 15.69 -30.18 -15.18
N LEU C 245 14.48 -30.32 -15.69
CA LEU C 245 14.21 -31.12 -16.88
C LEU C 245 13.60 -30.24 -17.96
N ARG C 246 14.25 -30.21 -19.11
CA ARG C 246 13.77 -29.42 -20.21
C ARG C 246 12.92 -30.23 -21.10
N ILE C 247 11.75 -29.73 -21.43
CA ILE C 247 10.83 -30.35 -22.39
C ILE C 247 10.98 -29.63 -23.72
N VAL C 248 11.26 -30.42 -24.75
CA VAL C 248 11.30 -30.00 -26.14
C VAL C 248 10.32 -30.84 -26.93
N THR C 249 9.63 -30.21 -27.87
CA THR C 249 8.63 -30.87 -28.68
C THR C 249 9.30 -31.12 -30.02
N ASP C 250 9.40 -32.40 -30.37
CA ASP C 250 9.98 -32.86 -31.62
C ASP C 250 8.94 -32.60 -32.71
N GLU C 251 8.93 -31.38 -33.23
CA GLU C 251 8.05 -31.04 -34.33
C GLU C 251 8.70 -31.36 -35.68
N ILE C 252 9.72 -32.22 -35.71
CA ILE C 252 10.37 -32.59 -36.97
C ILE C 252 9.36 -33.24 -37.91
N ASP C 253 8.63 -34.25 -37.41
CA ASP C 253 7.63 -34.98 -38.18
C ASP C 253 6.27 -34.76 -37.54
N PHE C 254 5.39 -34.03 -38.23
CA PHE C 254 4.06 -33.74 -37.69
C PHE C 254 3.19 -34.98 -37.58
N ARG C 255 3.62 -36.09 -38.15
CA ARG C 255 2.82 -37.30 -38.14
C ARG C 255 3.05 -38.06 -36.86
N GLN C 256 4.07 -37.70 -36.11
CA GLN C 256 4.43 -38.35 -34.84
C GLN C 256 5.27 -37.35 -34.06
N ALA C 257 4.64 -36.33 -33.50
CA ALA C 257 5.38 -35.33 -32.71
C ALA C 257 5.75 -35.96 -31.39
N GLU C 258 7.02 -36.32 -31.21
CA GLU C 258 7.46 -36.98 -29.99
C GLU C 258 7.93 -35.98 -28.97
N GLU C 259 7.94 -36.36 -27.69
CA GLU C 259 8.30 -35.44 -26.62
C GLU C 259 9.68 -35.80 -26.07
N ARG C 260 10.60 -34.84 -26.05
CA ARG C 260 11.95 -35.10 -25.57
C ARG C 260 12.18 -34.36 -24.25
N ILE C 261 12.57 -35.10 -23.22
CA ILE C 261 12.82 -34.52 -21.90
C ILE C 261 14.28 -34.78 -21.51
N GLU C 262 15.04 -33.69 -21.41
CA GLU C 262 16.45 -33.81 -21.09
C GLU C 262 16.79 -33.06 -19.84
N ALA C 263 17.56 -33.68 -18.98
CA ALA C 263 18.03 -32.99 -17.79
C ALA C 263 19.03 -31.90 -18.19
N ILE C 264 18.90 -30.73 -17.56
CA ILE C 264 19.78 -29.59 -17.84
C ILE C 264 20.27 -29.00 -16.52
N GLU C 265 21.27 -28.12 -16.67
CA GLU C 265 21.86 -27.34 -15.57
C GLU C 265 21.21 -25.96 -15.60
N ILE C 266 20.87 -25.41 -14.44
CA ILE C 266 20.21 -24.11 -14.38
C ILE C 266 20.98 -23.18 -13.45
N SER C 267 21.01 -21.89 -13.81
CA SER C 267 21.73 -20.90 -13.04
C SER C 267 21.44 -21.04 -11.55
N ASP C 268 22.45 -20.74 -10.74
CA ASP C 268 22.27 -20.76 -9.30
C ASP C 268 21.25 -19.72 -8.83
N GLU C 269 21.21 -18.54 -9.47
CA GLU C 269 20.12 -17.63 -9.16
C GLU C 269 18.76 -18.27 -9.42
N VAL C 270 18.63 -18.98 -10.55
CA VAL C 270 17.38 -19.66 -10.85
C VAL C 270 17.07 -20.71 -9.78
N LYS C 271 18.09 -21.43 -9.32
CA LYS C 271 17.87 -22.41 -8.25
C LYS C 271 17.38 -21.72 -6.98
N ASP C 272 17.90 -20.56 -6.65
CA ASP C 272 17.46 -19.94 -5.42
C ASP C 272 16.07 -19.41 -5.63
N GLN C 273 15.78 -18.94 -6.83
CA GLN C 273 14.40 -18.52 -7.12
C GLN C 273 13.43 -19.68 -6.90
N CYS C 274 13.78 -20.86 -7.40
CA CYS C 274 12.89 -22.01 -7.25
C CYS C 274 12.73 -22.38 -5.78
N VAL C 275 13.83 -22.40 -5.02
CA VAL C 275 13.73 -22.75 -3.61
C VAL C 275 12.93 -21.70 -2.85
N ARG C 276 13.09 -20.45 -3.21
CA ARG C 276 12.34 -19.42 -2.53
C ARG C 276 10.88 -19.56 -2.82
N ALA C 277 10.54 -19.86 -4.07
CA ALA C 277 9.14 -20.08 -4.41
C ALA C 277 8.54 -21.24 -3.62
N ALA C 278 9.30 -22.34 -3.52
CA ALA C 278 8.81 -23.50 -2.77
C ALA C 278 8.57 -23.14 -1.31
N LYS C 279 9.43 -22.36 -0.72
CA LYS C 279 9.25 -22.01 0.68
C LYS C 279 8.09 -21.06 0.80
N LEU C 280 8.00 -20.13 -0.12
CA LEU C 280 6.95 -19.12 -0.03
C LEU C 280 5.56 -19.76 -0.09
N VAL C 281 5.37 -20.70 -1.03
CA VAL C 281 4.08 -21.37 -1.10
C VAL C 281 3.87 -22.27 0.11
N GLY C 282 4.94 -22.83 0.66
CA GLY C 282 4.83 -23.70 1.81
C GLY C 282 4.84 -25.17 1.43
N LEU C 283 5.72 -25.52 0.49
CA LEU C 283 5.86 -26.88 0.01
C LEU C 283 7.21 -27.47 0.44
N ARG C 284 7.19 -28.74 0.80
CA ARG C 284 8.41 -29.50 1.05
C ARG C 284 8.85 -30.31 -0.15
N TYR C 285 7.89 -30.78 -0.96
CA TYR C 285 8.15 -31.50 -2.20
C TYR C 285 7.32 -30.86 -3.30
N THR C 286 8.02 -30.26 -4.27
CA THR C 286 7.28 -29.54 -5.32
C THR C 286 7.82 -29.77 -6.72
N GLY C 287 6.89 -30.08 -7.61
CA GLY C 287 7.18 -30.08 -9.05
C GLY C 287 6.71 -28.72 -9.51
N MET C 288 7.61 -27.84 -9.91
CA MET C 288 7.21 -26.53 -10.39
C MET C 288 7.61 -26.39 -11.85
N ASP C 289 6.85 -25.57 -12.56
CA ASP C 289 7.06 -25.31 -13.97
C ASP C 289 7.42 -23.85 -14.15
N ILE C 290 8.57 -23.64 -14.81
CA ILE C 290 9.10 -22.36 -15.26
C ILE C 290 9.21 -22.39 -16.79
N LYS C 291 9.25 -21.19 -17.37
CA LYS C 291 9.35 -21.07 -18.83
C LYS C 291 10.05 -19.76 -19.17
N ALA C 292 10.93 -19.80 -20.16
CA ALA C 292 11.66 -18.61 -20.58
C ALA C 292 10.92 -17.91 -21.70
N GLY C 293 11.03 -16.58 -21.70
CA GLY C 293 10.53 -15.77 -22.79
C GLY C 293 11.56 -15.63 -23.90
N ALA C 294 11.25 -14.75 -24.85
CA ALA C 294 12.19 -14.52 -25.94
C ALA C 294 13.50 -13.91 -25.45
N ASP C 295 13.50 -13.30 -24.26
CA ASP C 295 14.70 -12.69 -23.70
C ASP C 295 15.60 -13.71 -22.99
N GLY C 296 15.20 -14.97 -22.95
CA GLY C 296 16.00 -16.02 -22.36
C GLY C 296 15.73 -16.27 -20.89
N ASN C 297 15.19 -15.31 -20.16
CA ASN C 297 15.01 -15.45 -18.72
C ASN C 297 13.79 -16.31 -18.39
N TYR C 298 13.92 -17.15 -17.36
CA TYR C 298 12.82 -17.98 -16.91
C TYR C 298 11.81 -17.19 -16.08
N ARG C 299 10.53 -17.49 -16.28
CA ARG C 299 9.46 -16.97 -15.45
C ARG C 299 8.69 -18.13 -14.85
N VAL C 300 8.24 -17.96 -13.61
CA VAL C 300 7.61 -19.05 -12.89
C VAL C 300 6.14 -19.16 -13.31
N LEU C 301 5.74 -20.37 -13.70
CA LEU C 301 4.37 -20.65 -14.07
C LEU C 301 3.56 -21.18 -12.89
N GLU C 302 4.04 -22.22 -12.23
CA GLU C 302 3.27 -22.66 -11.07
C GLU C 302 4.02 -23.72 -10.29
N LEU C 303 3.62 -23.91 -9.04
CA LEU C 303 4.14 -24.97 -8.19
C LEU C 303 3.01 -25.93 -7.86
N ASN C 304 3.19 -27.21 -8.14
CA ASN C 304 2.13 -28.18 -7.89
C ASN C 304 2.28 -28.79 -6.50
N ALA C 305 1.15 -28.93 -5.80
CA ALA C 305 1.17 -29.44 -4.44
C ALA C 305 1.25 -30.96 -4.36
N SER C 306 1.21 -31.67 -5.48
CA SER C 306 1.37 -33.12 -5.48
C SER C 306 1.90 -33.57 -6.83
N ALA C 307 3.04 -33.03 -7.23
CA ALA C 307 3.54 -33.24 -8.58
C ALA C 307 3.76 -34.72 -8.85
N MET C 308 3.46 -35.14 -10.07
CA MET C 308 3.84 -36.46 -10.54
C MET C 308 5.29 -36.46 -11.06
N PHE C 309 5.89 -37.65 -11.12
CA PHE C 309 7.28 -37.70 -11.56
C PHE C 309 7.66 -38.90 -12.42
N ARG C 310 6.80 -39.93 -12.47
CA ARG C 310 7.19 -41.16 -13.16
C ARG C 310 7.56 -40.89 -14.61
N GLY C 311 6.71 -40.13 -15.31
CA GLY C 311 7.00 -39.82 -16.70
C GLY C 311 8.33 -39.13 -16.86
N PHE C 312 8.58 -38.08 -16.06
CA PHE C 312 9.83 -37.33 -16.17
C PHE C 312 11.03 -38.21 -15.85
N GLU C 313 10.93 -39.03 -14.81
CA GLU C 313 12.00 -39.99 -14.51
C GLU C 313 12.32 -40.84 -15.74
N GLY C 314 11.33 -41.55 -16.26
CA GLY C 314 11.57 -42.41 -17.41
C GLY C 314 12.20 -41.68 -18.57
N ARG C 315 11.52 -40.68 -19.10
CA ARG C 315 12.02 -39.99 -20.27
C ARG C 315 13.35 -39.30 -20.08
N ALA C 316 13.59 -38.77 -18.90
CA ALA C 316 14.79 -38.01 -18.63
C ALA C 316 15.89 -38.83 -17.95
N ASN C 317 15.61 -40.09 -17.61
CA ASN C 317 16.58 -40.96 -16.94
C ASN C 317 17.17 -40.29 -15.71
N VAL C 318 16.28 -39.82 -14.84
CA VAL C 318 16.67 -39.24 -13.57
C VAL C 318 15.96 -40.00 -12.45
N ASP C 319 16.34 -39.69 -11.22
CA ASP C 319 15.75 -40.33 -10.04
C ASP C 319 15.12 -39.25 -9.15
N ILE C 320 13.80 -39.17 -9.19
CA ILE C 320 13.04 -38.32 -8.27
C ILE C 320 12.39 -39.11 -7.13
N CYS C 321 11.98 -40.36 -7.34
CA CYS C 321 11.40 -41.18 -6.26
C CYS C 321 12.46 -41.69 -5.28
N GLY C 322 13.74 -41.54 -5.59
CA GLY C 322 14.78 -41.92 -4.65
C GLY C 322 14.99 -40.86 -3.59
N PRO C 323 15.28 -39.64 -4.01
CA PRO C 323 15.45 -38.55 -3.03
C PRO C 323 14.22 -38.31 -2.17
N LEU C 324 13.02 -38.54 -2.70
CA LEU C 324 11.80 -38.35 -1.91
C LEU C 324 11.72 -39.37 -0.78
N CYS C 325 11.90 -40.65 -1.13
CA CYS C 325 11.96 -41.68 -0.08
C CYS C 325 13.09 -41.39 0.89
N ASP C 326 14.18 -40.80 0.40
CA ASP C 326 15.29 -40.47 1.28
C ASP C 326 14.87 -39.42 2.31
N ALA C 327 14.19 -38.37 1.87
CA ALA C 327 13.72 -37.34 2.80
C ALA C 327 12.76 -37.94 3.82
N LEU C 328 11.79 -38.73 3.33
CA LEU C 328 10.84 -39.38 4.24
C LEU C 328 11.57 -40.20 5.30
N ILE C 329 12.56 -40.99 4.88
CA ILE C 329 13.26 -41.86 5.82
C ILE C 329 14.10 -41.02 6.79
N ALA C 330 14.74 -39.98 6.29
CA ALA C 330 15.51 -39.08 7.15
C ALA C 330 14.62 -38.51 8.25
N GLN C 331 13.34 -38.30 7.96
CA GLN C 331 12.44 -37.80 9.00
C GLN C 331 12.36 -38.76 10.19
N THR C 332 12.48 -40.06 9.95
CA THR C 332 12.32 -41.04 11.01
C THR C 332 13.43 -41.07 11.99
N LYS C 333 14.63 -40.77 11.53
CA LYS C 333 15.76 -40.82 12.40
C LYS C 333 15.70 -39.68 13.40
N ARG C 334 15.39 -38.48 12.92
CA ARG C 334 15.29 -37.32 13.80
C ARG C 334 14.28 -37.57 14.91
N SER D 19 -24.87 14.40 -10.77
CA SER D 19 -23.52 14.92 -10.74
C SER D 19 -23.05 14.96 -9.32
N HIS D 20 -22.07 14.13 -9.00
CA HIS D 20 -21.60 14.04 -7.62
C HIS D 20 -20.11 14.15 -7.55
N MET D 21 -19.56 14.06 -6.34
CA MET D 21 -18.11 14.04 -6.17
C MET D 21 -17.67 13.33 -4.90
N THR D 22 -17.90 12.03 -4.80
CA THR D 22 -17.41 11.29 -3.63
C THR D 22 -16.85 9.95 -4.03
N ASN D 23 -15.69 9.61 -3.50
CA ASN D 23 -15.04 8.37 -3.89
C ASN D 23 -15.60 7.19 -3.17
N LEU D 24 -15.49 6.01 -3.74
CA LEU D 24 -15.95 4.82 -3.05
C LEU D 24 -14.98 4.56 -1.92
N ASP D 25 -15.49 4.21 -0.75
CA ASP D 25 -14.63 3.94 0.37
C ASP D 25 -14.36 2.48 0.43
N THR D 26 -13.18 2.09 0.01
CA THR D 26 -12.81 0.70 0.04
C THR D 26 -12.07 0.47 1.32
N SER D 27 -12.26 1.31 2.30
CA SER D 27 -11.54 1.19 3.57
C SER D 27 -12.09 0.03 4.39
N ILE D 28 -13.40 -0.19 4.31
CA ILE D 28 -14.08 -1.28 5.00
C ILE D 28 -14.93 -2.00 3.95
N VAL D 29 -14.63 -3.27 3.73
CA VAL D 29 -15.33 -4.07 2.73
C VAL D 29 -16.14 -5.16 3.43
N VAL D 30 -17.42 -5.25 3.08
CA VAL D 30 -18.31 -6.27 3.63
C VAL D 30 -18.56 -7.31 2.53
N VAL D 31 -17.97 -8.48 2.68
CA VAL D 31 -18.12 -9.56 1.69
C VAL D 31 -19.40 -10.30 2.03
N GLY D 32 -20.39 -10.22 1.16
CA GLY D 32 -21.68 -10.83 1.40
C GLY D 32 -22.76 -10.17 0.56
N SER D 33 -24.01 -10.52 0.88
CA SER D 33 -25.07 -9.95 0.07
C SER D 33 -25.81 -8.85 0.82
N PRO D 34 -26.23 -7.81 0.11
CA PRO D 34 -27.05 -6.77 0.75
C PRO D 34 -28.38 -7.28 1.26
N ASP D 35 -28.95 -8.30 0.64
CA ASP D 35 -30.20 -8.90 1.13
C ASP D 35 -30.00 -9.73 2.40
N ASP D 36 -28.81 -9.74 2.99
CA ASP D 36 -28.53 -10.48 4.21
C ASP D 36 -28.66 -9.55 5.41
N LEU D 37 -29.48 -9.96 6.38
CA LEU D 37 -29.82 -9.08 7.49
C LEU D 37 -28.58 -8.63 8.26
N HIS D 38 -27.55 -9.48 8.31
CA HIS D 38 -26.37 -9.13 9.09
C HIS D 38 -25.48 -8.14 8.35
N VAL D 39 -25.37 -8.29 7.02
CA VAL D 39 -24.70 -7.25 6.24
C VAL D 39 -25.40 -5.92 6.45
N GLN D 40 -26.72 -5.95 6.51
CA GLN D 40 -27.45 -4.74 6.75
C GLN D 40 -27.10 -4.21 8.13
N SER D 41 -27.26 -5.00 9.14
CA SER D 41 -27.00 -4.53 10.50
C SER D 41 -25.62 -3.89 10.59
N VAL D 42 -24.60 -4.58 10.08
CA VAL D 42 -23.24 -4.07 10.16
C VAL D 42 -23.08 -2.80 9.32
N THR D 43 -23.75 -2.73 8.18
CA THR D 43 -23.64 -1.54 7.35
C THR D 43 -24.34 -0.34 7.97
N GLU D 44 -25.47 -0.57 8.66
CA GLU D 44 -26.15 0.53 9.32
C GLU D 44 -25.35 1.03 10.52
N GLY D 45 -24.68 0.10 11.23
CA GLY D 45 -23.77 0.53 12.29
C GLY D 45 -22.59 1.32 11.76
N LEU D 46 -22.02 0.86 10.65
CA LEU D 46 -20.90 1.58 10.03
C LEU D 46 -21.33 2.97 9.56
N ARG D 47 -22.53 3.09 9.01
CA ARG D 47 -23.02 4.41 8.61
C ARG D 47 -23.21 5.28 9.82
N ALA D 48 -23.98 4.81 10.79
CA ALA D 48 -24.17 5.58 12.01
C ALA D 48 -22.86 5.90 12.72
N ARG D 49 -21.75 5.34 12.27
CA ARG D 49 -20.44 5.58 12.89
C ARG D 49 -19.52 6.41 12.04
N GLY D 50 -19.95 6.76 10.83
CA GLY D 50 -19.24 7.74 10.00
C GLY D 50 -18.78 7.20 8.67
N HIS D 51 -18.52 5.90 8.57
CA HIS D 51 -17.97 5.32 7.36
C HIS D 51 -19.06 4.67 6.52
N GLU D 52 -18.90 4.77 5.20
CA GLU D 52 -19.78 4.09 4.26
C GLU D 52 -19.02 2.93 3.64
N PRO D 53 -19.40 1.69 3.91
CA PRO D 53 -18.59 0.55 3.46
C PRO D 53 -18.92 0.12 2.04
N TYR D 54 -17.90 -0.39 1.37
CA TYR D 54 -18.09 -1.06 0.08
C TYR D 54 -18.65 -2.44 0.34
N VAL D 55 -19.81 -2.73 -0.23
CA VAL D 55 -20.43 -4.05 -0.11
C VAL D 55 -19.99 -4.87 -1.32
N PHE D 56 -19.15 -5.87 -1.06
CA PHE D 56 -18.63 -6.77 -2.10
C PHE D 56 -19.67 -7.87 -2.32
N ASP D 57 -20.58 -7.63 -3.28
CA ASP D 57 -21.69 -8.56 -3.54
C ASP D 57 -21.19 -9.69 -4.44
N THR D 58 -20.60 -10.70 -3.80
CA THR D 58 -19.91 -11.75 -4.55
C THR D 58 -20.88 -12.65 -5.31
N GLN D 59 -22.12 -12.77 -4.84
CA GLN D 59 -23.09 -13.64 -5.50
C GLN D 59 -23.39 -13.15 -6.92
N ARG D 60 -23.02 -11.92 -7.23
CA ARG D 60 -23.25 -11.38 -8.57
C ARG D 60 -22.04 -11.56 -9.43
N PHE D 61 -21.11 -12.41 -9.02
CA PHE D 61 -19.86 -12.48 -9.78
C PHE D 61 -19.84 -12.80 -11.27
N PRO D 62 -19.88 -14.08 -11.67
CA PRO D 62 -19.68 -14.31 -13.11
C PRO D 62 -20.54 -13.48 -14.04
N GLU D 63 -21.86 -13.46 -13.88
CA GLU D 63 -22.70 -12.77 -14.84
C GLU D 63 -22.77 -11.27 -14.74
N GLU D 64 -22.93 -10.75 -13.53
CA GLU D 64 -23.11 -9.32 -13.37
C GLU D 64 -21.87 -8.48 -13.09
N MET D 65 -21.10 -8.84 -12.07
CA MET D 65 -19.93 -8.07 -11.67
C MET D 65 -18.70 -8.46 -12.43
N THR D 66 -17.83 -7.51 -12.73
CA THR D 66 -16.56 -7.89 -13.36
C THR D 66 -15.42 -7.63 -12.38
N VAL D 67 -14.54 -8.62 -12.22
CA VAL D 67 -13.32 -8.48 -11.45
C VAL D 67 -12.15 -8.90 -12.32
N SER D 68 -11.06 -8.16 -12.22
CA SER D 68 -9.86 -8.39 -13.02
C SER D 68 -8.65 -8.31 -12.11
N LEU D 69 -7.81 -9.34 -12.17
CA LEU D 69 -6.59 -9.41 -11.38
C LEU D 69 -5.39 -9.41 -12.33
N GLY D 70 -4.38 -8.60 -11.99
CA GLY D 70 -3.09 -8.69 -12.63
C GLY D 70 -2.12 -9.47 -11.73
N GLU D 71 -0.96 -9.80 -12.31
CA GLU D 71 0.01 -10.61 -11.57
C GLU D 71 0.45 -9.92 -10.29
N GLN D 72 0.39 -8.58 -10.26
CA GLN D 72 0.76 -7.84 -9.06
C GLN D 72 -0.40 -7.80 -8.07
N GLY D 73 -0.05 -7.98 -6.79
CA GLY D 73 -1.07 -8.17 -5.78
C GLY D 73 -2.10 -7.06 -5.75
N ALA D 74 -1.65 -5.81 -5.86
CA ALA D 74 -2.53 -4.65 -5.79
C ALA D 74 -3.36 -4.43 -7.04
N SER D 75 -3.15 -5.22 -8.09
CA SER D 75 -3.91 -5.08 -9.34
C SER D 75 -5.20 -5.88 -9.24
N ILE D 76 -6.10 -5.35 -8.42
CA ILE D 76 -7.46 -5.88 -8.26
C ILE D 76 -8.43 -4.81 -8.71
N PHE D 77 -9.33 -5.17 -9.61
CA PHE D 77 -10.29 -4.21 -10.16
C PHE D 77 -11.66 -4.84 -10.15
N VAL D 78 -12.52 -4.34 -9.26
CA VAL D 78 -13.93 -4.75 -9.18
C VAL D 78 -14.78 -3.65 -9.80
N ASP D 79 -15.43 -3.96 -10.92
CA ASP D 79 -16.25 -2.98 -11.64
C ASP D 79 -15.43 -1.73 -11.98
N GLY D 80 -14.23 -1.95 -12.49
CA GLY D 80 -13.37 -0.87 -12.93
C GLY D 80 -12.63 -0.14 -11.82
N GLN D 81 -13.09 -0.27 -10.59
CA GLN D 81 -12.47 0.44 -9.51
C GLN D 81 -11.42 -0.41 -8.83
N GLN D 82 -10.20 0.12 -8.74
CA GLN D 82 -9.12 -0.61 -8.10
C GLN D 82 -9.38 -0.71 -6.61
N ILE D 83 -9.41 -1.94 -6.10
CA ILE D 83 -9.62 -2.19 -4.68
C ILE D 83 -8.48 -3.06 -4.16
N ALA D 84 -7.32 -2.45 -3.98
CA ALA D 84 -6.17 -3.11 -3.39
C ALA D 84 -6.10 -2.73 -1.93
N ARG D 85 -5.91 -3.72 -1.08
CA ARG D 85 -5.67 -3.46 0.35
C ARG D 85 -6.72 -2.59 1.03
N PRO D 86 -7.91 -3.12 1.33
CA PRO D 86 -8.80 -2.44 2.28
C PRO D 86 -8.20 -2.49 3.68
N ALA D 87 -8.65 -1.56 4.52
CA ALA D 87 -8.22 -1.54 5.90
C ALA D 87 -8.77 -2.73 6.68
N ALA D 88 -10.03 -3.08 6.42
CA ALA D 88 -10.67 -4.18 7.12
C ALA D 88 -11.77 -4.78 6.24
N VAL D 89 -12.04 -6.06 6.47
CA VAL D 89 -13.07 -6.80 5.76
C VAL D 89 -13.91 -7.56 6.77
N TYR D 90 -15.22 -7.47 6.63
CA TYR D 90 -16.16 -8.32 7.37
C TYR D 90 -16.66 -9.39 6.42
N LEU D 91 -16.24 -10.62 6.66
CA LEU D 91 -16.53 -11.73 5.76
C LEU D 91 -17.74 -12.46 6.32
N ARG D 92 -18.90 -12.21 5.70
CA ARG D 92 -20.14 -12.90 6.03
C ARG D 92 -20.29 -14.20 5.25
N SER D 93 -20.24 -14.11 3.92
CA SER D 93 -20.41 -15.27 3.05
C SER D 93 -19.62 -15.06 1.77
N LEU D 94 -19.29 -16.17 1.12
CA LEU D 94 -18.50 -16.15 -0.10
C LEU D 94 -18.93 -17.40 -0.82
N TYR D 95 -19.84 -17.25 -1.76
CA TYR D 95 -20.29 -18.37 -2.55
C TYR D 95 -20.63 -19.58 -1.70
N ASP D 104 -28.74 -21.84 -8.38
CA ASP D 104 -29.54 -22.79 -9.14
C ASP D 104 -28.75 -23.57 -10.18
N ALA D 105 -28.50 -24.84 -9.89
CA ALA D 105 -27.74 -25.67 -10.83
C ALA D 105 -28.14 -27.14 -10.83
N ASP D 106 -29.33 -27.50 -10.34
CA ASP D 106 -29.73 -28.90 -10.37
C ASP D 106 -29.75 -29.43 -11.79
N LYS D 107 -30.17 -28.60 -12.74
CA LYS D 107 -30.11 -29.00 -14.15
C LYS D 107 -28.66 -29.19 -14.61
N ALA D 108 -27.79 -28.23 -14.25
CA ALA D 108 -26.40 -28.29 -14.67
C ALA D 108 -25.69 -29.49 -14.06
N MET D 109 -25.99 -29.81 -12.80
CA MET D 109 -25.38 -30.98 -12.17
C MET D 109 -25.95 -32.28 -12.73
N GLN D 110 -27.24 -32.29 -13.08
CA GLN D 110 -27.81 -33.49 -13.68
C GLN D 110 -27.19 -33.78 -15.05
N ASP D 111 -26.97 -32.76 -15.85
CA ASP D 111 -26.45 -33.00 -17.19
C ASP D 111 -24.96 -33.28 -17.19
N ASN D 112 -24.18 -32.45 -16.52
CA ASN D 112 -22.71 -32.62 -16.55
C ASN D 112 -22.16 -32.07 -15.23
N TRP D 113 -22.05 -32.95 -14.22
CA TRP D 113 -21.60 -32.50 -12.91
C TRP D 113 -20.13 -32.13 -12.93
N ARG D 114 -19.31 -32.85 -13.70
CA ARG D 114 -17.88 -32.59 -13.71
C ARG D 114 -17.59 -31.16 -14.17
N ARG D 115 -18.21 -30.74 -15.26
CA ARG D 115 -17.99 -29.41 -15.73
C ARG D 115 -18.58 -28.36 -14.83
N THR D 116 -19.71 -28.67 -14.18
CA THR D 116 -20.31 -27.69 -13.27
C THR D 116 -19.44 -27.46 -12.03
N LEU D 117 -18.94 -28.54 -11.42
CA LEU D 117 -18.04 -28.38 -10.29
C LEU D 117 -16.79 -27.62 -10.71
N LEU D 118 -16.25 -27.89 -11.91
CA LEU D 118 -15.07 -27.14 -12.33
C LEU D 118 -15.39 -25.65 -12.55
N ALA D 119 -16.56 -25.35 -13.06
CA ALA D 119 -16.94 -23.98 -13.27
C ALA D 119 -16.97 -23.27 -11.96
N PHE D 120 -17.64 -23.86 -11.00
CA PHE D 120 -17.79 -23.20 -9.73
C PHE D 120 -16.45 -23.06 -9.09
N ARG D 121 -15.57 -24.00 -9.35
CA ARG D 121 -14.22 -23.86 -8.80
C ARG D 121 -13.47 -22.68 -9.42
N GLU D 122 -13.70 -22.43 -10.71
CA GLU D 122 -13.10 -21.25 -11.33
C GLU D 122 -13.54 -19.97 -10.60
N ARG D 123 -14.85 -19.78 -10.47
CA ARG D 123 -15.35 -18.57 -9.81
C ARG D 123 -14.88 -18.48 -8.37
N SER D 124 -15.04 -19.59 -7.64
CA SER D 124 -14.63 -19.66 -6.25
C SER D 124 -13.16 -19.31 -6.09
N THR D 125 -12.32 -19.80 -6.99
CA THR D 125 -10.89 -19.54 -6.89
C THR D 125 -10.61 -18.05 -7.05
N LEU D 126 -11.24 -17.40 -8.02
CA LEU D 126 -10.91 -15.98 -8.19
C LEU D 126 -11.36 -15.15 -6.97
N MET D 127 -12.54 -15.44 -6.41
CA MET D 127 -12.96 -14.69 -5.23
C MET D 127 -12.05 -14.97 -4.03
N SER D 128 -11.76 -16.24 -3.79
CA SER D 128 -10.85 -16.60 -2.69
C SER D 128 -9.51 -15.90 -2.86
N ALA D 129 -9.05 -15.78 -4.11
CA ALA D 129 -7.78 -15.12 -4.37
C ALA D 129 -7.84 -13.65 -4.01
N VAL D 130 -8.97 -13.01 -4.28
CA VAL D 130 -9.12 -11.61 -3.87
C VAL D 130 -8.95 -11.47 -2.36
N LEU D 131 -9.67 -12.29 -1.59
CA LEU D 131 -9.56 -12.16 -0.14
C LEU D 131 -8.16 -12.50 0.37
N LEU D 132 -7.50 -13.49 -0.24
CA LEU D 132 -6.14 -13.83 0.15
C LEU D 132 -5.15 -12.71 -0.16
N ARG D 133 -5.29 -12.06 -1.32
CA ARG D 133 -4.45 -10.90 -1.62
C ARG D 133 -4.65 -9.78 -0.60
N TRP D 134 -5.91 -9.45 -0.27
CA TRP D 134 -6.13 -8.42 0.75
C TRP D 134 -5.43 -8.79 2.05
N GLU D 135 -5.65 -10.02 2.55
CA GLU D 135 -5.02 -10.38 3.82
C GLU D 135 -3.49 -10.31 3.74
N GLU D 136 -2.92 -10.73 2.61
CA GLU D 136 -1.47 -10.64 2.45
C GLU D 136 -0.99 -9.20 2.46
N ALA D 137 -1.79 -8.28 1.92
CA ALA D 137 -1.37 -6.88 1.88
C ALA D 137 -1.49 -6.17 3.23
N GLY D 138 -2.10 -6.81 4.22
CA GLY D 138 -2.27 -6.22 5.54
C GLY D 138 -3.70 -5.98 5.95
N THR D 139 -4.69 -6.37 5.15
CA THR D 139 -6.08 -6.15 5.52
C THR D 139 -6.46 -7.01 6.72
N ALA D 140 -7.13 -6.39 7.70
CA ALA D 140 -7.68 -7.11 8.84
C ALA D 140 -8.97 -7.77 8.38
N VAL D 141 -8.87 -9.02 7.95
CA VAL D 141 -10.04 -9.78 7.51
C VAL D 141 -10.68 -10.42 8.75
N TYR D 142 -11.91 -10.04 9.03
CA TYR D 142 -12.57 -10.50 10.25
C TYR D 142 -13.16 -11.88 9.98
N ASN D 143 -12.44 -12.89 10.47
CA ASN D 143 -12.60 -14.28 10.08
C ASN D 143 -12.03 -14.49 8.67
N SER D 144 -10.70 -14.59 8.61
CA SER D 144 -10.04 -14.92 7.36
C SER D 144 -10.43 -16.33 6.93
N PRO D 145 -10.51 -16.57 5.62
CA PRO D 145 -10.82 -17.94 5.16
C PRO D 145 -9.75 -18.95 5.56
N ARG D 146 -8.51 -18.51 5.76
CA ARG D 146 -7.48 -19.43 6.20
C ARG D 146 -7.86 -20.16 7.47
N ALA D 147 -8.79 -19.60 8.27
CA ALA D 147 -9.18 -20.23 9.53
C ALA D 147 -9.91 -21.54 9.32
N SER D 148 -10.39 -21.81 8.10
CA SER D 148 -11.10 -23.07 7.84
C SER D 148 -10.32 -24.26 8.37
N ALA D 149 -9.01 -24.30 8.11
CA ALA D 149 -8.20 -25.41 8.58
C ALA D 149 -8.46 -25.67 10.07
N ASN D 150 -8.37 -24.63 10.89
CA ASN D 150 -8.52 -24.85 12.32
C ASN D 150 -9.97 -25.12 12.68
N ILE D 151 -10.92 -24.66 11.88
CA ILE D 151 -12.33 -24.83 12.19
C ILE D 151 -12.79 -26.27 12.01
N THR D 152 -12.04 -27.09 11.30
CA THR D 152 -12.40 -28.49 11.13
C THR D 152 -12.71 -28.97 12.55
N LYS D 153 -13.98 -29.25 12.78
CA LYS D 153 -14.47 -29.58 14.13
C LYS D 153 -13.60 -30.63 14.78
N PRO D 154 -13.44 -31.81 14.17
CA PRO D 154 -12.66 -32.89 14.74
C PRO D 154 -11.28 -32.43 15.20
N PHE D 155 -10.70 -31.51 14.45
CA PHE D 155 -9.38 -30.96 14.77
C PHE D 155 -9.47 -29.74 15.67
N GLN D 156 -10.51 -28.94 15.52
CA GLN D 156 -10.68 -27.76 16.37
C GLN D 156 -10.67 -28.15 17.84
N LEU D 157 -11.45 -29.16 18.20
CA LEU D 157 -11.54 -29.50 19.61
C LEU D 157 -10.21 -30.03 20.14
N ALA D 158 -9.49 -30.80 19.32
CA ALA D 158 -8.20 -31.33 19.76
C ALA D 158 -7.18 -30.23 19.94
N LEU D 159 -7.21 -29.23 19.05
CA LEU D 159 -6.35 -28.07 19.22
C LEU D 159 -6.59 -27.40 20.57
N LEU D 160 -7.85 -27.11 20.88
CA LEU D 160 -8.15 -26.47 22.15
C LEU D 160 -7.77 -27.35 23.33
N ARG D 161 -8.12 -28.64 23.28
CA ARG D 161 -7.85 -29.54 24.39
C ARG D 161 -6.35 -29.67 24.65
N ASP D 162 -5.57 -29.85 23.59
CA ASP D 162 -4.12 -29.96 23.73
C ASP D 162 -3.47 -28.62 24.06
N ALA D 163 -4.20 -27.51 23.97
CA ALA D 163 -3.70 -26.24 24.50
C ALA D 163 -4.14 -25.97 25.93
N GLY D 164 -4.66 -26.98 26.64
CA GLY D 164 -5.06 -26.81 28.03
C GLY D 164 -6.46 -26.26 28.24
N LEU D 165 -7.28 -26.20 27.20
CA LEU D 165 -8.63 -25.66 27.34
C LEU D 165 -9.62 -26.78 27.62
N PRO D 166 -10.61 -26.54 28.48
CA PRO D 166 -11.58 -27.59 28.81
C PRO D 166 -12.51 -27.84 27.64
N VAL D 167 -12.62 -29.11 27.24
CA VAL D 167 -13.58 -29.51 26.22
C VAL D 167 -14.32 -30.75 26.71
N PRO D 168 -15.55 -30.98 26.26
CA PRO D 168 -16.25 -32.20 26.65
C PRO D 168 -15.58 -33.43 26.05
N ARG D 169 -15.49 -34.48 26.85
CA ARG D 169 -15.04 -35.76 26.31
C ARG D 169 -15.95 -36.15 25.16
N SER D 170 -15.36 -36.39 23.98
CA SER D 170 -16.12 -36.69 22.79
C SER D 170 -15.40 -37.75 21.96
N LEU D 171 -16.09 -38.19 20.91
CA LEU D 171 -15.62 -39.26 20.04
C LEU D 171 -16.30 -39.11 18.69
N TRP D 172 -15.49 -38.89 17.65
CA TRP D 172 -15.93 -38.99 16.27
C TRP D 172 -15.56 -40.38 15.76
N THR D 173 -16.51 -41.07 15.13
CA THR D 173 -16.25 -42.46 14.79
C THR D 173 -17.32 -42.99 13.86
N ASN D 174 -16.95 -44.06 13.15
CA ASN D 174 -17.90 -44.94 12.45
C ASN D 174 -17.80 -46.36 12.98
N ASP D 175 -17.16 -46.55 14.14
CA ASP D 175 -16.91 -47.86 14.72
C ASP D 175 -17.93 -48.11 15.83
N PRO D 176 -18.89 -49.02 15.65
CA PRO D 176 -19.89 -49.25 16.71
C PRO D 176 -19.28 -49.64 18.06
N GLU D 177 -18.19 -50.42 18.04
CA GLU D 177 -17.59 -50.87 19.28
C GLU D 177 -16.98 -49.69 20.04
N ALA D 178 -16.38 -48.74 19.32
CA ALA D 178 -15.87 -47.53 19.97
C ALA D 178 -16.99 -46.78 20.67
N VAL D 179 -18.17 -46.73 20.04
CA VAL D 179 -19.32 -46.05 20.65
C VAL D 179 -19.76 -46.78 21.92
N ARG D 180 -19.83 -48.11 21.87
CA ARG D 180 -20.19 -48.86 23.07
C ARG D 180 -19.21 -48.60 24.21
N ARG D 181 -17.92 -48.63 23.94
CA ARG D 181 -16.95 -48.44 25.00
C ARG D 181 -16.93 -47.01 25.51
N PHE D 182 -17.11 -46.05 24.61
CA PHE D 182 -17.16 -44.65 25.04
C PHE D 182 -18.34 -44.40 25.96
N HIS D 183 -19.52 -44.86 25.55
CA HIS D 183 -20.69 -44.79 26.42
C HIS D 183 -20.44 -45.49 27.74
N ALA D 184 -19.68 -46.58 27.72
CA ALA D 184 -19.36 -47.28 28.97
C ALA D 184 -18.44 -46.45 29.86
N GLU D 185 -17.56 -45.64 29.28
CA GLU D 185 -16.64 -44.88 30.10
C GLU D 185 -17.25 -43.60 30.67
N VAL D 186 -18.01 -42.84 29.86
CA VAL D 186 -18.43 -41.50 30.28
C VAL D 186 -19.82 -41.46 30.90
N GLY D 187 -20.62 -42.52 30.75
CA GLY D 187 -21.99 -42.50 31.23
C GLY D 187 -22.96 -42.01 30.18
N ASP D 188 -23.90 -41.14 30.58
CA ASP D 188 -24.82 -40.58 29.62
C ASP D 188 -24.11 -39.62 28.69
N CYS D 189 -24.49 -39.63 27.42
CA CYS D 189 -23.85 -38.76 26.43
C CYS D 189 -24.84 -38.40 25.33
N ILE D 190 -24.47 -37.36 24.58
CA ILE D 190 -25.23 -36.86 23.47
C ILE D 190 -24.54 -37.26 22.17
N TYR D 191 -25.20 -37.01 21.04
CA TYR D 191 -24.59 -37.22 19.74
C TYR D 191 -25.08 -36.12 18.80
N LYS D 192 -24.19 -35.25 18.40
CA LYS D 192 -24.47 -34.17 17.46
C LYS D 192 -24.04 -34.55 16.06
N PRO D 193 -24.57 -33.86 15.05
CA PRO D 193 -24.28 -34.23 13.67
C PRO D 193 -22.81 -34.07 13.35
N VAL D 194 -22.29 -34.88 12.43
CA VAL D 194 -20.86 -34.86 12.12
C VAL D 194 -20.33 -33.49 11.78
N ALA D 195 -21.01 -32.79 10.89
CA ALA D 195 -20.53 -31.50 10.48
C ALA D 195 -21.66 -30.51 10.49
N GLY D 196 -22.44 -30.49 11.57
CA GLY D 196 -23.50 -29.51 11.69
C GLY D 196 -24.74 -29.82 10.89
N GLY D 197 -25.85 -29.21 11.26
CA GLY D 197 -27.07 -29.41 10.50
C GLY D 197 -28.21 -30.06 11.23
N ALA D 198 -28.02 -30.38 12.51
CA ALA D 198 -29.13 -30.94 13.30
C ALA D 198 -28.97 -30.59 14.75
N ARG D 199 -29.73 -31.26 15.60
CA ARG D 199 -29.70 -30.91 17.00
C ARG D 199 -29.00 -31.93 17.85
N THR D 200 -28.35 -31.43 18.88
CA THR D 200 -27.73 -32.38 19.82
C THR D 200 -28.82 -33.19 20.50
N ARG D 201 -28.73 -34.52 20.36
CA ARG D 201 -29.72 -35.42 20.93
C ARG D 201 -29.08 -36.34 21.96
N LYS D 202 -29.91 -36.93 22.81
CA LYS D 202 -29.45 -37.82 23.86
C LYS D 202 -29.31 -39.25 23.33
N LEU D 203 -28.21 -39.91 23.69
CA LEU D 203 -27.98 -41.29 23.31
C LEU D 203 -28.77 -42.20 24.25
N GLU D 204 -29.81 -42.81 23.74
CA GLU D 204 -30.59 -43.67 24.59
C GLU D 204 -30.15 -45.10 24.47
N ALA D 205 -30.28 -45.82 25.58
CA ALA D 205 -29.86 -47.21 25.60
C ALA D 205 -30.54 -48.01 24.50
N LYS D 206 -31.75 -47.61 24.10
CA LYS D 206 -32.43 -48.27 23.00
C LYS D 206 -31.63 -48.18 21.70
N ASP D 207 -30.89 -47.08 21.52
CA ASP D 207 -30.02 -46.97 20.36
C ASP D 207 -28.83 -47.91 20.41
N LEU D 208 -28.39 -48.30 21.59
CA LEU D 208 -27.15 -49.08 21.69
C LEU D 208 -27.26 -50.55 21.45
N GLU D 209 -28.45 -51.03 21.14
CA GLU D 209 -28.58 -52.43 20.79
C GLU D 209 -28.10 -52.59 19.38
N ALA D 210 -27.55 -53.75 19.05
CA ALA D 210 -26.96 -53.95 17.73
C ALA D 210 -27.73 -53.40 16.57
N ASP D 211 -28.99 -53.79 16.44
CA ASP D 211 -29.78 -53.36 15.30
C ASP D 211 -29.71 -51.87 15.15
N ARG D 212 -30.05 -51.17 16.22
CA ARG D 212 -30.06 -49.72 16.16
C ARG D 212 -28.71 -49.04 16.15
N ILE D 213 -27.66 -49.74 16.58
CA ILE D 213 -26.34 -49.09 16.69
C ILE D 213 -25.50 -49.22 15.46
N GLU D 214 -25.71 -50.28 14.72
CA GLU D 214 -24.87 -50.50 13.58
C GLU D 214 -25.19 -49.44 12.56
N ARG D 215 -26.15 -48.58 12.86
CA ARG D 215 -26.56 -47.55 11.90
C ARG D 215 -25.41 -46.62 11.56
N LEU D 216 -24.54 -46.33 12.52
CA LEU D 216 -23.42 -45.42 12.31
C LEU D 216 -22.21 -46.11 11.67
N SER D 217 -22.37 -47.34 11.18
CA SER D 217 -21.25 -48.07 10.61
C SER D 217 -20.69 -47.37 9.38
N ALA D 218 -21.56 -46.74 8.59
CA ALA D 218 -21.14 -45.97 7.42
C ALA D 218 -21.78 -44.58 7.44
N ALA D 219 -22.07 -44.06 8.62
CA ALA D 219 -22.63 -42.72 8.76
C ALA D 219 -22.15 -42.14 10.09
N PRO D 220 -20.98 -41.50 10.09
CA PRO D 220 -20.41 -41.02 11.35
C PRO D 220 -21.20 -39.87 11.96
N VAL D 221 -21.17 -39.81 13.29
CA VAL D 221 -21.70 -38.71 14.09
C VAL D 221 -20.70 -38.43 15.21
N CYS D 222 -20.96 -37.38 16.01
CA CYS D 222 -20.05 -37.01 17.08
C CYS D 222 -20.72 -37.26 18.42
N PHE D 223 -20.28 -38.31 19.11
CA PHE D 223 -20.77 -38.59 20.45
C PHE D 223 -19.96 -37.79 21.45
N GLN D 224 -20.54 -37.50 22.61
CA GLN D 224 -19.92 -36.53 23.48
C GLN D 224 -20.57 -36.60 24.86
N GLU D 225 -19.78 -36.42 25.92
CA GLU D 225 -20.35 -36.51 27.26
C GLU D 225 -21.47 -35.48 27.42
N LEU D 226 -22.58 -35.92 28.02
CA LEU D 226 -23.77 -35.08 28.17
C LEU D 226 -23.56 -34.10 29.32
N LEU D 227 -23.22 -32.86 28.97
CA LEU D 227 -23.10 -31.81 29.96
C LEU D 227 -24.48 -31.35 30.41
N THR D 228 -24.63 -31.11 31.72
CA THR D 228 -25.92 -30.76 32.30
C THR D 228 -26.05 -29.29 32.68
N GLY D 229 -25.01 -28.49 32.44
CA GLY D 229 -25.06 -27.07 32.73
C GLY D 229 -25.79 -26.31 31.66
N ASP D 230 -25.77 -24.99 31.79
CA ASP D 230 -26.51 -24.15 30.88
C ASP D 230 -25.65 -23.79 29.68
N ASP D 231 -26.27 -23.81 28.50
CA ASP D 231 -25.60 -23.31 27.31
C ASP D 231 -25.34 -21.82 27.43
N VAL D 232 -24.19 -21.38 26.95
CA VAL D 232 -23.77 -19.99 27.07
C VAL D 232 -23.02 -19.60 25.80
N ARG D 233 -23.46 -18.52 25.19
CA ARG D 233 -22.83 -17.98 23.99
C ARG D 233 -21.95 -16.82 24.40
N VAL D 234 -20.67 -16.90 24.04
CA VAL D 234 -19.69 -15.87 24.35
C VAL D 234 -19.24 -15.24 23.04
N TYR D 235 -19.23 -13.91 22.99
CA TYR D 235 -18.75 -13.21 21.80
C TYR D 235 -17.40 -12.57 22.07
N VAL D 236 -16.45 -12.77 21.16
CA VAL D 236 -15.08 -12.30 21.33
C VAL D 236 -14.68 -11.53 20.08
N ILE D 237 -14.22 -10.30 20.26
CA ILE D 237 -13.77 -9.44 19.16
C ILE D 237 -12.43 -8.83 19.57
N ASP D 238 -11.40 -9.07 18.76
CA ASP D 238 -10.08 -8.49 18.98
C ASP D 238 -9.56 -8.79 20.38
N ASP D 239 -9.71 -10.05 20.80
CA ASP D 239 -9.20 -10.54 22.07
C ASP D 239 -9.93 -9.95 23.27
N GLN D 240 -11.08 -9.32 23.05
CA GLN D 240 -11.91 -8.77 24.12
C GLN D 240 -13.25 -9.49 24.14
N VAL D 241 -13.69 -9.89 25.33
CA VAL D 241 -14.99 -10.52 25.48
C VAL D 241 -16.06 -9.45 25.46
N ILE D 242 -17.09 -9.64 24.64
CA ILE D 242 -18.13 -8.64 24.49
C ILE D 242 -19.31 -8.93 25.40
N CYS D 243 -19.69 -10.19 25.53
CA CYS D 243 -20.81 -10.57 26.38
C CYS D 243 -20.96 -12.09 26.37
N ALA D 244 -21.68 -12.58 27.38
CA ALA D 244 -22.00 -13.99 27.57
C ALA D 244 -23.47 -14.13 27.91
N LEU D 245 -24.17 -14.98 27.16
CA LEU D 245 -25.63 -15.07 27.24
C LEU D 245 -26.06 -16.50 27.50
N ARG D 246 -27.05 -16.66 28.36
CA ARG D 246 -27.46 -17.97 28.76
C ARG D 246 -28.74 -18.33 28.10
N ILE D 247 -28.77 -19.53 27.55
CA ILE D 247 -29.98 -20.01 26.92
C ILE D 247 -30.84 -20.67 27.93
N VAL D 248 -31.78 -19.92 28.47
CA VAL D 248 -32.66 -20.48 29.46
C VAL D 248 -33.75 -21.22 28.73
N GLU D 259 -37.00 -20.01 24.80
CA GLU D 259 -36.79 -18.87 23.91
C GLU D 259 -36.34 -17.63 24.68
N ARG D 260 -35.92 -17.83 25.93
CA ARG D 260 -35.45 -16.75 26.79
C ARG D 260 -33.94 -16.76 26.88
N ILE D 261 -33.33 -15.59 26.65
CA ILE D 261 -31.88 -15.43 26.64
C ILE D 261 -31.51 -14.20 27.46
N GLU D 262 -30.70 -14.38 28.50
CA GLU D 262 -30.29 -13.29 29.37
C GLU D 262 -28.77 -13.17 29.39
N ALA D 263 -28.30 -11.98 29.78
CA ALA D 263 -26.87 -11.70 29.84
C ALA D 263 -26.32 -12.08 31.21
N ILE D 264 -25.14 -12.68 31.22
CA ILE D 264 -24.53 -13.20 32.43
C ILE D 264 -23.10 -12.73 32.55
N GLU D 265 -22.65 -12.50 33.78
CA GLU D 265 -21.25 -12.20 34.05
C GLU D 265 -20.50 -13.51 34.25
N ILE D 266 -19.40 -13.69 33.51
CA ILE D 266 -18.59 -14.89 33.61
C ILE D 266 -17.28 -14.54 34.31
N SER D 267 -16.61 -15.58 34.80
CA SER D 267 -15.35 -15.41 35.52
C SER D 267 -14.29 -14.77 34.65
N ASP D 268 -13.31 -14.13 35.29
CA ASP D 268 -12.17 -13.61 34.57
C ASP D 268 -11.39 -14.71 33.87
N GLU D 269 -11.21 -15.85 34.54
CA GLU D 269 -10.50 -16.97 33.95
C GLU D 269 -11.25 -17.53 32.74
N VAL D 270 -12.57 -17.65 32.83
CA VAL D 270 -13.34 -18.13 31.69
C VAL D 270 -13.23 -17.16 30.51
N LYS D 271 -13.23 -15.87 30.78
CA LYS D 271 -13.01 -14.89 29.71
C LYS D 271 -11.66 -15.10 29.04
N ASP D 272 -10.59 -15.20 29.84
CA ASP D 272 -9.27 -15.36 29.24
C ASP D 272 -9.16 -16.68 28.48
N GLN D 273 -9.83 -17.72 28.95
CA GLN D 273 -9.86 -18.98 28.21
C GLN D 273 -10.59 -18.83 26.88
N CYS D 274 -11.68 -18.06 26.87
CA CYS D 274 -12.39 -17.86 25.61
C CYS D 274 -11.53 -17.11 24.59
N VAL D 275 -10.84 -16.06 25.04
CA VAL D 275 -9.97 -15.35 24.10
C VAL D 275 -8.82 -16.25 23.65
N ARG D 276 -8.29 -17.08 24.56
CA ARG D 276 -7.24 -18.02 24.17
C ARG D 276 -7.74 -18.98 23.09
N ALA D 277 -8.98 -19.47 23.21
CA ALA D 277 -9.53 -20.37 22.21
C ALA D 277 -9.68 -19.65 20.87
N ALA D 278 -10.21 -18.42 20.90
CA ALA D 278 -10.37 -17.67 19.66
C ALA D 278 -9.02 -17.40 19.00
N LYS D 279 -7.97 -17.22 19.80
CA LYS D 279 -6.65 -17.01 19.23
C LYS D 279 -6.09 -18.29 18.63
N LEU D 280 -6.28 -19.42 19.32
CA LEU D 280 -5.84 -20.71 18.78
C LEU D 280 -6.48 -20.98 17.43
N VAL D 281 -7.81 -20.90 17.35
CA VAL D 281 -8.47 -21.22 16.09
C VAL D 281 -8.07 -20.22 15.02
N GLY D 282 -7.88 -18.96 15.39
CA GLY D 282 -7.49 -17.94 14.45
C GLY D 282 -8.66 -17.11 13.93
N LEU D 283 -9.46 -16.57 14.84
CA LEU D 283 -10.63 -15.78 14.50
C LEU D 283 -10.55 -14.42 15.19
N ARG D 284 -10.86 -13.36 14.44
CA ARG D 284 -10.90 -12.03 15.04
C ARG D 284 -12.23 -11.76 15.72
N TYR D 285 -13.33 -12.28 15.17
CA TYR D 285 -14.66 -12.12 15.72
C TYR D 285 -15.33 -13.48 15.75
N THR D 286 -15.71 -13.92 16.94
CA THR D 286 -16.32 -15.25 17.06
C THR D 286 -17.38 -15.25 18.16
N GLY D 287 -18.51 -15.88 17.85
CA GLY D 287 -19.47 -16.30 18.86
C GLY D 287 -19.32 -17.79 19.06
N MET D 288 -19.06 -18.17 20.31
CA MET D 288 -18.71 -19.55 20.62
C MET D 288 -19.63 -20.11 21.69
N ASP D 289 -20.02 -21.36 21.49
CA ASP D 289 -20.85 -22.10 22.43
C ASP D 289 -19.98 -22.78 23.47
N ILE D 290 -20.31 -22.56 24.74
CA ILE D 290 -19.79 -23.29 25.89
C ILE D 290 -20.97 -23.74 26.75
N LYS D 291 -20.73 -24.81 27.51
CA LYS D 291 -21.78 -25.36 28.36
C LYS D 291 -21.13 -25.92 29.60
N ALA D 292 -21.76 -25.69 30.73
CA ALA D 292 -21.20 -26.13 31.99
C ALA D 292 -21.61 -27.56 32.28
N GLY D 293 -20.84 -28.21 33.16
CA GLY D 293 -21.13 -29.57 33.58
C GLY D 293 -21.78 -29.59 34.96
N ALA D 294 -21.97 -30.81 35.46
CA ALA D 294 -22.58 -30.96 36.79
C ALA D 294 -21.75 -30.28 37.87
N ASP D 295 -20.43 -30.29 37.72
CA ASP D 295 -19.53 -29.64 38.67
C ASP D 295 -19.47 -28.13 38.50
N GLY D 296 -20.35 -27.56 37.68
CA GLY D 296 -20.37 -26.12 37.47
C GLY D 296 -19.13 -25.59 36.80
N ASN D 297 -18.65 -26.27 35.75
CA ASN D 297 -17.44 -25.87 35.04
C ASN D 297 -17.74 -25.81 33.55
N TYR D 298 -17.52 -24.65 32.95
CA TYR D 298 -17.78 -24.48 31.53
C TYR D 298 -16.69 -25.13 30.71
N ARG D 299 -17.10 -25.94 29.73
CA ARG D 299 -16.21 -26.49 28.73
C ARG D 299 -16.51 -25.84 27.38
N VAL D 300 -15.47 -25.68 26.57
CA VAL D 300 -15.66 -25.11 25.24
C VAL D 300 -16.33 -26.15 24.35
N LEU D 301 -17.42 -25.75 23.70
CA LEU D 301 -18.17 -26.62 22.81
C LEU D 301 -17.84 -26.38 21.35
N GLU D 302 -17.81 -25.13 20.92
CA GLU D 302 -17.64 -24.93 19.49
C GLU D 302 -17.41 -23.44 19.22
N LEU D 303 -16.49 -23.14 18.30
CA LEU D 303 -16.31 -21.79 17.80
C LEU D 303 -16.83 -21.71 16.37
N ASN D 304 -17.55 -20.62 16.07
CA ASN D 304 -18.22 -20.45 14.80
C ASN D 304 -17.44 -19.49 13.91
N ALA D 305 -17.19 -19.90 12.66
CA ALA D 305 -16.39 -19.09 11.74
C ALA D 305 -17.06 -17.77 11.42
N SER D 306 -18.39 -17.70 11.51
CA SER D 306 -19.09 -16.45 11.27
C SER D 306 -20.43 -16.47 12.01
N ALA D 307 -20.37 -16.23 13.33
CA ALA D 307 -21.57 -16.32 14.15
C ALA D 307 -22.56 -15.21 13.79
N MET D 308 -23.84 -15.51 14.01
CA MET D 308 -24.88 -14.51 13.90
C MET D 308 -25.10 -13.85 15.26
N PHE D 309 -25.78 -12.70 15.26
CA PHE D 309 -26.08 -12.05 16.53
C PHE D 309 -27.45 -11.35 16.60
N ARG D 310 -28.15 -11.26 15.49
CA ARG D 310 -29.48 -10.58 15.49
C ARG D 310 -30.39 -11.26 16.51
N GLY D 311 -30.52 -12.57 16.44
CA GLY D 311 -31.33 -13.29 17.40
C GLY D 311 -30.93 -13.02 18.84
N PHE D 312 -29.63 -13.04 19.13
CA PHE D 312 -29.12 -12.80 20.45
C PHE D 312 -29.18 -11.34 20.89
N GLU D 313 -28.80 -10.40 20.02
CA GLU D 313 -29.01 -8.96 20.25
C GLU D 313 -30.46 -8.64 20.62
N GLY D 314 -31.43 -9.18 19.87
CA GLY D 314 -32.82 -8.97 20.18
C GLY D 314 -33.27 -9.68 21.45
N ARG D 315 -33.12 -11.01 21.49
CA ARG D 315 -33.66 -11.68 22.66
C ARG D 315 -32.84 -11.45 23.93
N ALA D 316 -31.80 -10.61 23.93
CA ALA D 316 -31.09 -10.32 25.18
C ALA D 316 -30.67 -8.88 25.38
N ASN D 317 -31.20 -7.97 24.59
CA ASN D 317 -30.87 -6.54 24.73
C ASN D 317 -29.39 -6.26 24.88
N VAL D 318 -28.60 -6.67 23.91
CA VAL D 318 -27.18 -6.37 23.96
C VAL D 318 -26.75 -5.72 22.68
N ASP D 319 -25.56 -5.13 22.67
CA ASP D 319 -25.05 -4.55 21.44
C ASP D 319 -23.84 -5.35 20.99
N ILE D 320 -24.03 -6.21 19.99
CA ILE D 320 -22.95 -6.95 19.39
C ILE D 320 -22.50 -6.31 18.07
N CYS D 321 -23.45 -5.85 17.25
CA CYS D 321 -23.08 -5.25 15.97
C CYS D 321 -22.22 -4.00 16.18
N GLY D 322 -22.52 -3.24 17.24
CA GLY D 322 -21.82 -2.01 17.52
C GLY D 322 -20.32 -2.20 17.68
N PRO D 323 -19.92 -3.00 18.68
CA PRO D 323 -18.48 -3.20 18.90
C PRO D 323 -17.77 -3.83 17.71
N LEU D 324 -18.44 -4.68 16.95
CA LEU D 324 -17.84 -5.20 15.72
C LEU D 324 -17.52 -4.06 14.75
N CYS D 325 -18.49 -3.14 14.55
CA CYS D 325 -18.23 -1.99 13.69
C CYS D 325 -17.12 -1.12 14.25
N ASP D 326 -17.05 -1.01 15.58
CA ASP D 326 -15.98 -0.22 16.19
C ASP D 326 -14.61 -0.83 15.91
N ALA D 327 -14.52 -2.17 15.92
CA ALA D 327 -13.24 -2.81 15.59
C ALA D 327 -12.88 -2.60 14.12
N LEU D 328 -13.84 -2.80 13.23
CA LEU D 328 -13.62 -2.55 11.81
C LEU D 328 -13.11 -1.12 11.58
N ILE D 329 -13.76 -0.15 12.22
CA ILE D 329 -13.38 1.25 12.03
C ILE D 329 -12.01 1.53 12.66
N ALA D 330 -11.74 0.91 13.81
CA ALA D 330 -10.44 1.09 14.45
C ALA D 330 -9.31 0.67 13.51
N GLN D 331 -9.54 -0.38 12.73
CA GLN D 331 -8.50 -0.78 11.77
C GLN D 331 -8.15 0.32 10.77
N THR D 332 -9.05 1.27 10.53
CA THR D 332 -8.82 2.36 9.58
C THR D 332 -7.72 3.33 10.02
N LYS D 333 -7.21 3.19 11.24
CA LYS D 333 -6.15 4.06 11.75
C LYS D 333 -4.99 3.22 12.31
N LEU E 1 12.79 15.77 -24.69
CA LEU E 1 11.56 15.80 -23.91
C LEU E 1 10.43 15.02 -24.58
N PHE E 2 9.68 14.26 -23.78
CA PHE E 2 8.48 13.61 -24.32
C PHE E 2 7.40 14.65 -24.63
N ILE E 3 7.26 15.67 -23.78
CA ILE E 3 6.40 16.81 -24.04
C ILE E 3 7.23 17.90 -24.70
N GLU E 4 7.50 17.74 -25.98
CA GLU E 4 8.41 18.65 -26.67
C GLU E 4 8.08 20.11 -26.58
N ASP E 5 6.81 20.43 -26.56
CA ASP E 5 6.37 21.83 -26.49
C ASP E 5 6.34 22.34 -25.06
N LEU E 6 7.28 21.90 -24.24
CA LEU E 6 7.28 22.30 -22.84
C LEU E 6 7.78 23.71 -22.71
N GLY E 7 8.81 24.04 -23.45
CA GLY E 7 9.39 25.35 -23.31
C GLY E 7 8.98 26.39 -24.33
N LYS E 8 8.28 25.96 -25.38
CA LYS E 8 7.90 26.89 -26.44
C LYS E 8 7.08 28.05 -25.92
N VAL E 9 7.59 29.26 -26.12
CA VAL E 9 6.90 30.43 -25.62
C VAL E 9 6.32 31.23 -26.77
N THR E 18 6.65 34.92 -22.32
CA THR E 18 5.44 34.93 -21.52
C THR E 18 4.79 33.58 -21.55
N THR E 19 5.25 32.69 -20.69
CA THR E 19 4.64 31.40 -20.61
C THR E 19 3.34 31.59 -19.90
N LEU E 20 2.22 31.30 -20.55
CA LEU E 20 0.94 31.56 -19.92
C LEU E 20 0.32 30.33 -19.34
N ALA E 21 0.89 29.18 -19.65
CA ALA E 21 0.28 27.94 -19.20
C ALA E 21 0.73 27.70 -17.79
N ILE E 22 1.47 28.64 -17.24
CA ILE E 22 1.92 28.54 -15.83
C ILE E 22 1.51 29.84 -15.14
N GLY E 23 0.47 30.47 -15.61
CA GLY E 23 0.02 31.74 -15.04
C GLY E 23 -0.83 31.63 -13.80
N GLU E 24 -1.14 30.42 -13.40
CA GLU E 24 -2.03 30.22 -12.28
C GLU E 24 -1.29 29.51 -11.20
N GLU E 25 -0.03 29.84 -11.05
CA GLU E 25 0.77 29.22 -10.02
C GLU E 25 1.85 30.19 -9.61
N LEU F 1 -19.20 -21.65 -21.14
CA LEU F 1 -17.80 -21.73 -20.77
C LEU F 1 -16.89 -21.26 -21.90
N PHE F 2 -15.99 -20.34 -21.58
CA PHE F 2 -14.98 -19.93 -22.56
C PHE F 2 -14.06 -21.10 -22.88
N ILE F 3 -13.60 -21.81 -21.84
CA ILE F 3 -12.75 -23.00 -22.01
C ILE F 3 -13.70 -24.19 -22.15
N GLU F 4 -14.21 -24.38 -23.36
CA GLU F 4 -15.20 -25.42 -23.58
C GLU F 4 -14.78 -26.81 -23.17
N ASP F 5 -13.55 -27.21 -23.51
CA ASP F 5 -13.11 -28.57 -23.21
C ASP F 5 -12.72 -28.71 -21.74
N LEU F 6 -13.59 -28.23 -20.84
CA LEU F 6 -13.28 -28.27 -19.40
C LEU F 6 -13.66 -29.62 -18.79
N GLY F 7 -14.94 -29.95 -18.78
CA GLY F 7 -15.39 -31.20 -18.21
C GLY F 7 -15.33 -32.38 -19.16
N LYS F 8 -14.48 -32.27 -20.17
CA LYS F 8 -14.38 -33.31 -21.20
C LYS F 8 -13.71 -34.56 -20.65
N VAL F 9 -14.13 -35.71 -21.17
CA VAL F 9 -13.59 -37.00 -20.75
C VAL F 9 -13.37 -37.94 -21.93
N THR F 18 -7.80 -41.08 -15.58
CA THR F 18 -9.20 -40.72 -15.77
C THR F 18 -9.33 -39.32 -16.34
N THR F 19 -9.28 -38.30 -15.46
CA THR F 19 -9.24 -36.91 -15.91
C THR F 19 -7.83 -36.43 -15.60
N LEU F 20 -6.99 -36.24 -16.61
CA LEU F 20 -5.58 -35.94 -16.36
C LEU F 20 -5.06 -34.61 -15.82
N ALA F 21 -5.80 -33.52 -15.95
CA ALA F 21 -5.29 -32.22 -15.53
C ALA F 21 -5.37 -32.02 -14.03
N ILE F 22 -5.89 -33.00 -13.34
CA ILE F 22 -6.10 -32.91 -11.91
C ILE F 22 -5.12 -33.79 -11.14
N GLY F 23 -4.16 -34.40 -11.84
CA GLY F 23 -3.29 -35.40 -11.23
C GLY F 23 -2.14 -34.84 -10.42
N GLU F 24 -1.81 -33.59 -10.65
CA GLU F 24 -0.70 -33.02 -9.95
C GLU F 24 -1.21 -32.09 -8.91
N GLU F 25 -2.49 -32.15 -8.64
CA GLU F 25 -3.05 -31.32 -7.62
C GLU F 25 -3.86 -32.14 -6.65
#